data_1KQ1
#
_entry.id   1KQ1
#
_cell.length_a   67.030
_cell.length_b   89.950
_cell.length_c   67.770
_cell.angle_alpha   90.00
_cell.angle_beta   97.95
_cell.angle_gamma   90.00
#
_symmetry.space_group_name_H-M   'P 1 21 1'
#
loop_
_entity.id
_entity.type
_entity.pdbx_description
1 polymer 'Host Factor for Q beta'
2 non-polymer 'ACETIC ACID'
3 water water
#
_entity_poly.entity_id   1
_entity_poly.type   'polypeptide(L)'
_entity_poly.pdbx_seq_one_letter_code
;MIANENIQDKALENFKANQTEVTVFFLNGFQMKGVIEEYDKYVVSLNSQGKQHLIYKHAISTYTVETEGQASTESEE
;
_entity_poly.pdbx_strand_id   A,B,H,I,K,M,S,T,Y,N,R,W
#
# COMPACT_ATOMS: atom_id res chain seq x y z
N ASN A 6 10.64 -6.65 -31.68
CA ASN A 6 9.77 -6.52 -30.47
C ASN A 6 10.48 -5.58 -29.48
N ILE A 7 9.82 -4.50 -29.05
CA ILE A 7 10.48 -3.51 -28.21
C ILE A 7 11.15 -4.05 -26.97
N GLN A 8 10.39 -4.83 -26.21
CA GLN A 8 10.95 -5.36 -24.99
C GLN A 8 12.12 -6.35 -25.17
N ASP A 9 11.96 -7.27 -26.13
CA ASP A 9 12.98 -8.28 -26.38
C ASP A 9 14.27 -7.64 -26.86
N LYS A 10 14.13 -6.61 -27.68
CA LYS A 10 15.27 -5.89 -28.20
C LYS A 10 15.91 -5.09 -27.06
N ALA A 11 15.11 -4.45 -26.22
CA ALA A 11 15.68 -3.67 -25.11
C ALA A 11 16.45 -4.56 -24.12
N LEU A 12 15.89 -5.69 -23.72
CA LEU A 12 16.59 -6.56 -22.79
C LEU A 12 17.87 -7.14 -23.44
N GLU A 13 17.80 -7.46 -24.71
CA GLU A 13 18.98 -8.00 -25.40
C GLU A 13 20.10 -6.95 -25.35
N ASN A 14 19.74 -5.71 -25.57
CA ASN A 14 20.69 -4.61 -25.51
C ASN A 14 21.17 -4.34 -24.08
N PHE A 15 20.28 -4.37 -23.09
CA PHE A 15 20.75 -4.18 -21.72
C PHE A 15 21.79 -5.23 -21.30
N LYS A 16 21.55 -6.49 -21.64
CA LYS A 16 22.46 -7.57 -21.30
C LYS A 16 23.78 -7.42 -22.03
N ALA A 17 23.70 -7.19 -23.34
CA ALA A 17 24.91 -7.09 -24.17
C ALA A 17 25.82 -5.95 -23.76
N ASN A 18 25.20 -4.81 -23.44
CA ASN A 18 25.96 -3.61 -23.06
C ASN A 18 26.22 -3.51 -21.55
N GLN A 19 25.68 -4.45 -20.78
CA GLN A 19 25.87 -4.42 -19.33
C GLN A 19 25.40 -3.07 -18.77
N THR A 20 24.31 -2.56 -19.36
CA THR A 20 23.68 -1.29 -18.98
C THR A 20 23.18 -1.26 -17.54
N GLU A 21 23.44 -0.18 -16.83
CA GLU A 21 22.98 -0.07 -15.45
C GLU A 21 21.52 0.32 -15.56
N VAL A 22 20.63 -0.46 -14.94
CA VAL A 22 19.22 -0.12 -15.05
C VAL A 22 18.60 -0.19 -13.68
N THR A 23 17.57 0.61 -13.47
CA THR A 23 16.86 0.52 -12.23
C THR A 23 15.57 -0.14 -12.60
N VAL A 24 15.28 -1.24 -11.90
CA VAL A 24 14.03 -1.96 -12.09
C VAL A 24 13.07 -1.46 -10.99
N PHE A 25 11.90 -0.97 -11.39
CA PHE A 25 10.85 -0.61 -10.43
C PHE A 25 9.84 -1.72 -10.42
N PHE A 26 9.37 -2.08 -9.25
CA PHE A 26 8.39 -3.14 -9.09
C PHE A 26 7.00 -2.56 -9.00
N LEU A 27 6.00 -3.44 -9.04
CA LEU A 27 4.62 -2.99 -8.96
C LEU A 27 4.31 -2.22 -7.69
N ASN A 28 4.94 -2.59 -6.57
CA ASN A 28 4.65 -1.88 -5.33
C ASN A 28 5.48 -0.61 -5.18
N GLY A 29 6.25 -0.27 -6.20
CA GLY A 29 7.03 0.96 -6.15
C GLY A 29 8.45 0.85 -5.66
N PHE A 30 8.84 -0.32 -5.13
CA PHE A 30 10.21 -0.52 -4.64
C PHE A 30 11.10 -0.52 -5.89
N GLN A 31 12.40 -0.32 -5.71
CA GLN A 31 13.31 -0.29 -6.84
C GLN A 31 14.63 -0.93 -6.50
N MET A 32 15.30 -1.42 -7.54
CA MET A 32 16.56 -2.06 -7.40
C MET A 32 17.41 -1.74 -8.63
N LYS A 33 18.62 -1.24 -8.41
CA LYS A 33 19.52 -0.86 -9.49
C LYS A 33 20.60 -1.90 -9.69
N GLY A 34 20.84 -2.28 -10.95
CA GLY A 34 21.84 -3.27 -11.23
C GLY A 34 22.05 -3.51 -12.72
N VAL A 35 22.61 -4.65 -13.02
CA VAL A 35 22.90 -5.06 -14.39
C VAL A 35 22.12 -6.34 -14.71
N ILE A 36 21.45 -6.34 -15.86
CA ILE A 36 20.73 -7.54 -16.25
C ILE A 36 21.76 -8.52 -16.84
N GLU A 37 21.92 -9.66 -16.19
CA GLU A 37 22.88 -10.66 -16.62
C GLU A 37 22.29 -11.67 -17.58
N GLU A 38 21.00 -11.98 -17.37
CA GLU A 38 20.34 -12.95 -18.21
C GLU A 38 18.87 -12.65 -18.12
N TYR A 39 18.12 -13.18 -19.06
CA TYR A 39 16.69 -13.01 -19.03
C TYR A 39 16.04 -14.05 -19.93
N ASP A 40 14.75 -14.22 -19.74
CA ASP A 40 14.01 -15.08 -20.64
C ASP A 40 12.63 -14.48 -20.83
N LYS A 41 11.67 -15.22 -21.37
CA LYS A 41 10.38 -14.64 -21.64
C LYS A 41 9.60 -14.20 -20.37
N TYR A 42 9.99 -14.80 -19.25
CA TYR A 42 9.28 -14.60 -18.00
C TYR A 42 10.00 -13.95 -16.86
N VAL A 43 11.33 -14.05 -16.82
CA VAL A 43 12.10 -13.52 -15.70
C VAL A 43 13.32 -12.78 -16.19
N VAL A 44 13.87 -11.98 -15.28
CA VAL A 44 15.10 -11.24 -15.55
C VAL A 44 16.01 -11.54 -14.38
N SER A 45 17.30 -11.74 -14.64
CA SER A 45 18.27 -11.99 -13.55
C SER A 45 19.04 -10.71 -13.42
N LEU A 46 18.90 -10.03 -12.29
CA LEU A 46 19.55 -8.72 -12.08
C LEU A 46 20.63 -8.81 -11.01
N ASN A 47 21.85 -8.39 -11.34
CA ASN A 47 22.93 -8.44 -10.32
C ASN A 47 22.92 -7.07 -9.67
N SER A 48 22.68 -7.01 -8.35
CA SER A 48 22.61 -5.73 -7.66
C SER A 48 23.21 -5.83 -6.27
N GLN A 49 24.03 -4.85 -5.92
CA GLN A 49 24.69 -4.82 -4.62
C GLN A 49 25.34 -6.16 -4.29
N GLY A 50 26.04 -6.70 -5.28
CA GLY A 50 26.76 -7.96 -5.13
C GLY A 50 25.97 -9.25 -5.10
N LYS A 51 24.66 -9.20 -5.34
CA LYS A 51 23.91 -10.45 -5.32
C LYS A 51 22.93 -10.56 -6.48
N GLN A 52 22.67 -11.78 -6.88
CA GLN A 52 21.75 -12.06 -7.98
C GLN A 52 20.30 -12.09 -7.50
N HIS A 53 19.43 -11.56 -8.35
CA HIS A 53 17.98 -11.50 -8.05
C HIS A 53 17.26 -12.01 -9.29
N LEU A 54 16.46 -13.04 -9.13
CA LEU A 54 15.66 -13.61 -10.27
C LEU A 54 14.28 -12.97 -10.13
N ILE A 55 13.96 -12.09 -11.07
CA ILE A 55 12.73 -11.27 -10.94
C ILE A 55 11.71 -11.67 -11.98
N TYR A 56 10.48 -11.84 -11.52
CA TYR A 56 9.39 -12.11 -12.49
C TYR A 56 8.99 -10.82 -13.19
N LYS A 57 8.83 -10.89 -14.52
CA LYS A 57 8.40 -9.72 -15.25
C LYS A 57 7.00 -9.31 -14.83
N HIS A 58 6.19 -10.27 -14.36
CA HIS A 58 4.85 -9.88 -13.90
C HIS A 58 4.92 -8.94 -12.71
N ALA A 59 6.07 -8.88 -12.03
CA ALA A 59 6.19 -7.96 -10.86
C ALA A 59 6.91 -6.63 -11.20
N ILE A 60 7.36 -6.46 -12.44
CA ILE A 60 8.07 -5.28 -12.84
C ILE A 60 7.15 -4.26 -13.45
N SER A 61 7.37 -3.01 -13.05
CA SER A 61 6.63 -1.90 -13.62
C SER A 61 7.42 -1.21 -14.73
N THR A 62 8.68 -0.88 -14.42
CA THR A 62 9.47 -0.08 -15.34
C THR A 62 10.96 -0.40 -15.26
N TYR A 63 11.65 -0.22 -16.38
CA TYR A 63 13.10 -0.32 -16.42
C TYR A 63 13.51 1.13 -16.70
N THR A 64 14.29 1.71 -15.81
CA THR A 64 14.77 3.06 -16.02
C THR A 64 16.22 2.93 -16.42
N VAL A 65 16.57 3.59 -17.51
CA VAL A 65 17.92 3.51 -18.02
C VAL A 65 18.79 4.59 -17.38
N ASN B 6 -9.32 0.99 -32.88
CA ASN B 6 -8.72 0.64 -31.56
C ASN B 6 -8.46 1.90 -30.75
N ILE B 7 -9.29 2.13 -29.72
CA ILE B 7 -9.17 3.30 -28.87
C ILE B 7 -7.75 3.54 -28.36
N GLN B 8 -7.17 2.50 -27.79
CA GLN B 8 -5.85 2.57 -27.20
C GLN B 8 -4.76 2.89 -28.24
N ASP B 9 -4.77 2.16 -29.34
CA ASP B 9 -3.77 2.37 -30.39
C ASP B 9 -3.90 3.76 -31.01
N LYS B 10 -5.12 4.25 -31.15
CA LYS B 10 -5.32 5.56 -31.71
C LYS B 10 -4.81 6.66 -30.79
N ALA B 11 -4.95 6.47 -29.48
CA ALA B 11 -4.48 7.49 -28.54
C ALA B 11 -2.95 7.52 -28.48
N LEU B 12 -2.35 6.33 -28.39
CA LEU B 12 -0.89 6.23 -28.31
C LEU B 12 -0.27 6.75 -29.60
N GLU B 13 -0.94 6.52 -30.71
CA GLU B 13 -0.47 6.97 -32.02
C GLU B 13 -0.39 8.48 -32.01
N ASN B 14 -1.45 9.09 -31.48
CA ASN B 14 -1.57 10.52 -31.36
C ASN B 14 -0.54 11.08 -30.38
N PHE B 15 -0.40 10.47 -29.21
CA PHE B 15 0.56 10.99 -28.25
C PHE B 15 1.96 11.00 -28.84
N LYS B 16 2.31 9.92 -29.53
CA LYS B 16 3.64 9.80 -30.10
C LYS B 16 3.89 10.80 -31.24
N ALA B 17 2.94 10.88 -32.16
CA ALA B 17 3.14 11.79 -33.29
C ALA B 17 3.16 13.26 -32.88
N ASN B 18 2.35 13.60 -31.88
CA ASN B 18 2.25 14.96 -31.39
C ASN B 18 3.20 15.29 -30.22
N GLN B 19 3.94 14.30 -29.74
CA GLN B 19 4.87 14.51 -28.62
C GLN B 19 4.15 15.15 -27.42
N THR B 20 2.93 14.70 -27.19
CA THR B 20 2.07 15.17 -26.12
C THR B 20 2.67 14.90 -24.74
N GLU B 21 2.43 15.80 -23.81
CA GLU B 21 2.90 15.62 -22.43
C GLU B 21 1.86 14.68 -21.84
N VAL B 22 2.26 13.43 -21.60
CA VAL B 22 1.33 12.45 -21.08
C VAL B 22 1.73 12.07 -19.66
N THR B 23 0.75 11.99 -18.77
CA THR B 23 1.07 11.55 -17.43
C THR B 23 0.57 10.12 -17.34
N VAL B 24 1.50 9.22 -17.03
CA VAL B 24 1.20 7.80 -16.88
C VAL B 24 1.02 7.53 -15.39
N PHE B 25 -0.14 6.97 -15.03
CA PHE B 25 -0.38 6.56 -13.65
C PHE B 25 -0.17 5.04 -13.59
N PHE B 26 0.55 4.60 -12.58
CA PHE B 26 0.82 3.17 -12.39
C PHE B 26 -0.20 2.53 -11.48
N LEU B 27 -0.16 1.20 -11.38
CA LEU B 27 -1.14 0.52 -10.52
C LEU B 27 -1.04 0.92 -9.08
N ASN B 28 0.16 1.28 -8.64
CA ASN B 28 0.28 1.67 -7.26
C ASN B 28 -0.06 3.12 -7.00
N GLY B 29 -0.46 3.84 -8.06
CA GLY B 29 -0.82 5.24 -7.88
C GLY B 29 0.25 6.26 -8.20
N PHE B 30 1.50 5.79 -8.37
CA PHE B 30 2.57 6.72 -8.72
C PHE B 30 2.29 7.27 -10.12
N GLN B 31 2.81 8.46 -10.43
CA GLN B 31 2.60 9.02 -11.73
C GLN B 31 3.91 9.52 -12.29
N MET B 32 4.03 9.44 -13.60
CA MET B 32 5.23 9.91 -14.28
C MET B 32 4.79 10.68 -15.51
N LYS B 33 5.26 11.92 -15.64
CA LYS B 33 4.88 12.76 -16.79
C LYS B 33 6.03 12.81 -17.80
N GLY B 34 5.73 12.55 -19.06
CA GLY B 34 6.78 12.58 -20.08
C GLY B 34 6.18 12.45 -21.46
N VAL B 35 7.02 12.04 -22.40
CA VAL B 35 6.62 11.92 -23.79
C VAL B 35 6.81 10.49 -24.28
N ILE B 36 5.78 9.95 -24.94
CA ILE B 36 5.87 8.59 -25.47
C ILE B 36 6.69 8.55 -26.77
N GLU B 37 7.77 7.79 -26.73
CA GLU B 37 8.69 7.66 -27.86
C GLU B 37 8.35 6.46 -28.73
N GLU B 38 7.84 5.41 -28.12
CA GLU B 38 7.49 4.23 -28.89
C GLU B 38 6.61 3.34 -28.02
N TYR B 39 5.94 2.40 -28.63
CA TYR B 39 5.08 1.49 -27.89
C TYR B 39 4.70 0.33 -28.76
N ASP B 40 4.24 -0.73 -28.11
CA ASP B 40 3.73 -1.89 -28.80
C ASP B 40 2.69 -2.59 -27.94
N LYS B 41 2.35 -3.82 -28.28
CA LYS B 41 1.32 -4.52 -27.53
C LYS B 41 1.58 -4.60 -26.02
N TYR B 42 2.85 -4.66 -25.63
CA TYR B 42 3.14 -4.87 -24.22
C TYR B 42 3.82 -3.79 -23.44
N VAL B 43 4.51 -2.86 -24.12
CA VAL B 43 5.25 -1.82 -23.44
C VAL B 43 5.10 -0.45 -24.07
N VAL B 44 5.48 0.55 -23.28
CA VAL B 44 5.51 1.93 -23.72
C VAL B 44 6.86 2.51 -23.31
N SER B 45 7.51 3.24 -24.21
CA SER B 45 8.78 3.85 -23.84
C SER B 45 8.46 5.33 -23.61
N LEU B 46 8.73 5.82 -22.39
CA LEU B 46 8.40 7.17 -22.01
C LEU B 46 9.65 7.95 -21.59
N ASN B 47 9.93 9.05 -22.29
CA ASN B 47 11.08 9.86 -21.93
C ASN B 47 10.60 10.88 -20.90
N SER B 48 11.27 10.93 -19.76
CA SER B 48 10.85 11.80 -18.68
C SER B 48 12.08 12.23 -17.90
N GLN B 49 12.16 13.55 -17.68
CA GLN B 49 13.26 14.17 -16.96
C GLN B 49 14.64 13.65 -17.37
N GLY B 50 14.85 13.61 -18.68
CA GLY B 50 16.14 13.21 -19.19
C GLY B 50 16.48 11.75 -19.23
N LYS B 51 15.55 10.88 -18.86
CA LYS B 51 15.83 9.46 -18.90
C LYS B 51 14.76 8.69 -19.67
N GLN B 52 15.20 7.55 -20.21
CA GLN B 52 14.34 6.60 -20.92
C GLN B 52 13.70 5.66 -19.88
N HIS B 53 12.40 5.38 -20.05
CA HIS B 53 11.70 4.45 -19.17
C HIS B 53 10.97 3.42 -20.02
N LEU B 54 11.22 2.14 -19.83
CA LEU B 54 10.49 1.14 -20.58
C LEU B 54 9.45 0.62 -19.56
N ILE B 55 8.18 0.89 -19.87
CA ILE B 55 7.08 0.60 -18.94
C ILE B 55 6.19 -0.50 -19.46
N TYR B 56 5.89 -1.49 -18.62
CA TYR B 56 4.98 -2.53 -19.01
C TYR B 56 3.54 -2.04 -18.92
N LYS B 57 2.76 -2.23 -19.97
CA LYS B 57 1.34 -1.84 -19.93
C LYS B 57 0.62 -2.54 -18.78
N HIS B 58 1.10 -3.71 -18.35
CA HIS B 58 0.42 -4.39 -17.25
C HIS B 58 0.52 -3.61 -15.95
N ALA B 59 1.48 -2.69 -15.87
CA ALA B 59 1.65 -1.89 -14.67
C ALA B 59 1.02 -0.51 -14.79
N ILE B 60 0.41 -0.19 -15.94
CA ILE B 60 -0.19 1.12 -16.11
C ILE B 60 -1.66 1.07 -15.76
N SER B 61 -2.11 2.12 -15.10
CA SER B 61 -3.53 2.28 -14.82
C SER B 61 -4.20 3.23 -15.82
N THR B 62 -3.60 4.42 -16.00
CA THR B 62 -4.22 5.47 -16.81
C THR B 62 -3.23 6.33 -17.55
N TYR B 63 -3.66 6.86 -18.70
CA TYR B 63 -2.84 7.86 -19.41
C TYR B 63 -3.72 9.08 -19.30
N THR B 64 -3.15 10.19 -18.88
CA THR B 64 -3.94 11.37 -18.78
C THR B 64 -3.24 12.46 -19.52
N VAL B 65 -4.04 13.25 -20.21
CA VAL B 65 -3.50 14.38 -20.93
C VAL B 65 -4.39 15.53 -20.58
N GLU B 66 -3.81 16.73 -20.70
CA GLU B 66 -4.47 17.99 -20.41
C GLU B 66 -5.15 18.57 -21.67
N MET C 1 12.93 -32.17 -19.68
CA MET C 1 14.26 -31.51 -19.69
C MET C 1 14.11 -29.99 -19.82
N ILE C 2 15.15 -29.27 -19.42
CA ILE C 2 15.11 -27.81 -19.42
C ILE C 2 15.96 -27.21 -20.52
N ALA C 3 15.37 -26.35 -21.33
CA ALA C 3 16.09 -25.74 -22.43
C ALA C 3 17.05 -24.66 -21.96
N ASN C 4 18.12 -24.42 -22.72
CA ASN C 4 19.12 -23.43 -22.36
C ASN C 4 18.52 -22.04 -22.15
N GLU C 5 17.43 -21.72 -22.86
CA GLU C 5 16.82 -20.39 -22.79
C GLU C 5 16.01 -20.24 -21.51
N ASN C 6 15.60 -21.30 -20.87
CA ASN C 6 14.74 -21.27 -19.69
C ASN C 6 15.61 -21.10 -18.46
N ILE C 7 15.85 -19.85 -18.12
CA ILE C 7 16.70 -19.62 -16.98
C ILE C 7 15.96 -19.75 -15.67
N GLN C 8 14.64 -19.64 -15.71
CA GLN C 8 13.86 -19.78 -14.49
C GLN C 8 13.90 -21.20 -13.92
N ASP C 9 13.63 -22.19 -14.76
CA ASP C 9 13.68 -23.53 -14.25
C ASP C 9 15.08 -23.99 -13.95
N LYS C 10 16.06 -23.50 -14.68
CA LYS C 10 17.42 -23.85 -14.36
C LYS C 10 17.71 -23.38 -12.93
N ALA C 11 17.28 -22.16 -12.58
CA ALA C 11 17.54 -21.65 -11.24
C ALA C 11 16.76 -22.40 -10.20
N LEU C 12 15.46 -22.62 -10.42
CA LEU C 12 14.66 -23.30 -9.42
C LEU C 12 15.05 -24.72 -9.18
N GLU C 13 15.46 -25.39 -10.25
CA GLU C 13 15.90 -26.80 -10.13
C GLU C 13 17.22 -26.92 -9.32
N ASN C 14 18.09 -25.95 -9.51
CA ASN C 14 19.34 -25.93 -8.74
C ASN C 14 19.02 -25.60 -7.28
N PHE C 15 18.12 -24.63 -7.04
CA PHE C 15 17.77 -24.31 -5.66
C PHE C 15 17.23 -25.54 -4.97
N LYS C 16 16.35 -26.27 -5.66
CA LYS C 16 15.73 -27.46 -5.13
C LYS C 16 16.78 -28.54 -4.87
N ALA C 17 17.60 -28.79 -5.88
CA ALA C 17 18.55 -29.89 -5.71
C ALA C 17 19.57 -29.65 -4.65
N ASN C 18 20.00 -28.40 -4.52
CA ASN C 18 21.02 -28.04 -3.55
C ASN C 18 20.45 -27.63 -2.19
N GLN C 19 19.13 -27.69 -2.06
CA GLN C 19 18.46 -27.27 -0.80
C GLN C 19 18.96 -25.90 -0.34
N THR C 20 19.16 -24.99 -1.28
CA THR C 20 19.67 -23.72 -0.87
C THR C 20 18.61 -22.84 -0.20
N GLU C 21 19.04 -22.16 0.84
CA GLU C 21 18.14 -21.28 1.57
C GLU C 21 17.89 -20.07 0.66
N VAL C 22 16.66 -19.91 0.19
CA VAL C 22 16.30 -18.83 -0.70
C VAL C 22 15.34 -17.87 0.02
N THR C 23 15.42 -16.61 -0.36
CA THR C 23 14.53 -15.58 0.13
C THR C 23 13.56 -15.26 -1.04
N VAL C 24 12.29 -15.38 -0.75
CA VAL C 24 11.24 -15.10 -1.74
C VAL C 24 10.61 -13.76 -1.36
N PHE C 25 10.64 -12.80 -2.29
CA PHE C 25 9.98 -11.53 -2.06
C PHE C 25 8.66 -11.59 -2.78
N PHE C 26 7.63 -11.05 -2.13
CA PHE C 26 6.27 -11.04 -2.71
C PHE C 26 5.92 -9.72 -3.39
N LEU C 27 4.79 -9.67 -4.09
CA LEU C 27 4.39 -8.44 -4.75
C LEU C 27 4.25 -7.29 -3.79
N ASN C 28 3.85 -7.56 -2.54
CA ASN C 28 3.73 -6.44 -1.61
C ASN C 28 5.04 -6.05 -0.94
N GLY C 29 6.15 -6.69 -1.31
CA GLY C 29 7.45 -6.36 -0.72
C GLY C 29 7.87 -7.14 0.51
N PHE C 30 6.96 -7.96 1.04
CA PHE C 30 7.32 -8.76 2.20
C PHE C 30 8.17 -9.93 1.73
N GLN C 31 8.85 -10.59 2.67
CA GLN C 31 9.73 -11.67 2.28
C GLN C 31 9.66 -12.83 3.25
N MET C 32 9.95 -14.04 2.75
CA MET C 32 10.00 -15.25 3.58
C MET C 32 11.27 -15.96 3.13
N LYS C 33 11.92 -16.74 4.02
CA LYS C 33 13.14 -17.47 3.63
C LYS C 33 12.91 -18.97 3.90
N GLY C 34 13.49 -19.82 3.07
CA GLY C 34 13.29 -21.25 3.24
C GLY C 34 13.96 -22.04 2.14
N VAL C 35 13.61 -23.32 2.10
CA VAL C 35 14.14 -24.22 1.09
C VAL C 35 13.01 -24.61 0.15
N ILE C 36 13.28 -24.51 -1.15
CA ILE C 36 12.29 -24.93 -2.11
C ILE C 36 12.33 -26.47 -2.16
N GLU C 37 11.24 -27.09 -1.76
CA GLU C 37 11.12 -28.54 -1.75
C GLU C 37 10.59 -29.05 -3.07
N GLU C 38 9.64 -28.32 -3.65
CA GLU C 38 9.07 -28.71 -4.93
C GLU C 38 8.46 -27.47 -5.52
N TYR C 39 8.19 -27.51 -6.82
CA TYR C 39 7.55 -26.39 -7.49
C TYR C 39 6.96 -26.88 -8.81
N ASP C 40 6.02 -26.12 -9.35
CA ASP C 40 5.48 -26.44 -10.66
C ASP C 40 5.08 -25.14 -11.33
N LYS C 41 4.27 -25.20 -12.40
CA LYS C 41 3.95 -23.96 -13.08
C LYS C 41 3.16 -22.96 -12.25
N TYR C 42 2.54 -23.40 -11.17
CA TYR C 42 1.72 -22.44 -10.44
C TYR C 42 2.15 -22.17 -9.02
N VAL C 43 2.81 -23.14 -8.40
CA VAL C 43 3.18 -22.97 -7.01
C VAL C 43 4.60 -23.36 -6.68
N VAL C 44 5.02 -22.92 -5.51
CA VAL C 44 6.34 -23.24 -4.97
C VAL C 44 6.11 -23.67 -3.53
N SER C 45 6.66 -24.81 -3.16
CA SER C 45 6.55 -25.32 -1.82
C SER C 45 7.81 -24.91 -1.06
N LEU C 46 7.66 -24.06 -0.03
CA LEU C 46 8.82 -23.53 0.69
C LEU C 46 8.81 -24.01 2.12
N ASN C 47 9.89 -24.68 2.52
CA ASN C 47 10.04 -25.25 3.85
C ASN C 47 10.83 -24.21 4.64
N SER C 48 10.15 -23.64 5.63
CA SER C 48 10.77 -22.60 6.44
C SER C 48 10.85 -23.12 7.86
N GLN C 49 11.39 -22.28 8.72
CA GLN C 49 11.55 -22.64 10.13
C GLN C 49 10.20 -22.71 10.84
N GLY C 50 9.81 -23.92 11.23
CA GLY C 50 8.55 -24.11 11.92
C GLY C 50 7.33 -23.86 11.05
N LYS C 51 7.53 -23.58 9.76
CA LYS C 51 6.41 -23.31 8.86
C LYS C 51 6.56 -23.96 7.47
N GLN C 52 5.45 -24.39 6.88
CA GLN C 52 5.51 -24.93 5.52
C GLN C 52 4.63 -23.96 4.73
N HIS C 53 5.16 -23.46 3.63
CA HIS C 53 4.39 -22.52 2.83
C HIS C 53 4.15 -23.01 1.43
N LEU C 54 2.92 -22.84 0.94
CA LEU C 54 2.62 -23.18 -0.45
C LEU C 54 2.35 -21.78 -1.06
N ILE C 55 3.24 -21.34 -1.94
CA ILE C 55 3.23 -19.98 -2.50
C ILE C 55 2.81 -19.96 -3.93
N TYR C 56 1.90 -19.03 -4.27
CA TYR C 56 1.56 -18.92 -5.68
C TYR C 56 2.60 -18.09 -6.43
N LYS C 57 3.08 -18.63 -7.57
CA LYS C 57 4.03 -17.86 -8.35
C LYS C 57 3.47 -16.49 -8.74
N HIS C 58 2.14 -16.39 -8.91
CA HIS C 58 1.60 -15.09 -9.29
C HIS C 58 1.83 -14.03 -8.24
N ALA C 59 2.13 -14.45 -7.00
CA ALA C 59 2.38 -13.49 -5.93
C ALA C 59 3.86 -13.22 -5.70
N ILE C 60 4.73 -13.95 -6.41
CA ILE C 60 6.16 -13.75 -6.21
C ILE C 60 6.73 -12.67 -7.08
N SER C 61 7.59 -11.84 -6.46
CA SER C 61 8.31 -10.80 -7.21
C SER C 61 9.71 -11.27 -7.56
N THR C 62 10.43 -11.73 -6.54
CA THR C 62 11.85 -12.06 -6.74
C THR C 62 12.33 -13.19 -5.89
N TYR C 63 13.35 -13.92 -6.37
CA TYR C 63 14.07 -14.90 -5.53
C TYR C 63 15.49 -14.38 -5.37
N THR C 64 16.05 -14.52 -4.15
CA THR C 64 17.47 -14.12 -3.94
C THR C 64 18.09 -15.18 -3.04
N VAL C 65 19.44 -15.37 -3.08
CA VAL C 65 20.06 -16.38 -2.23
C VAL C 65 21.00 -15.74 -1.21
N GLU C 66 21.53 -16.59 -0.30
CA GLU C 66 22.46 -16.19 0.77
C GLU C 66 21.69 -15.70 2.00
N ASN D 6 -0.24 -30.43 -9.63
CA ASN D 6 -0.70 -31.46 -8.67
C ASN D 6 -0.29 -31.16 -7.22
N ILE D 7 0.77 -30.36 -7.06
CA ILE D 7 1.24 -29.98 -5.73
C ILE D 7 0.15 -29.24 -4.97
N GLN D 8 -0.49 -28.32 -5.65
CA GLN D 8 -1.53 -27.54 -5.03
C GLN D 8 -2.76 -28.33 -4.57
N ASP D 9 -3.26 -29.21 -5.43
CA ASP D 9 -4.41 -30.00 -5.05
C ASP D 9 -4.10 -30.96 -3.91
N LYS D 10 -2.88 -31.50 -3.89
CA LYS D 10 -2.50 -32.40 -2.82
C LYS D 10 -2.45 -31.70 -1.49
N ALA D 11 -1.91 -30.48 -1.48
CA ALA D 11 -1.83 -29.76 -0.23
C ALA D 11 -3.21 -29.36 0.27
N LEU D 12 -4.02 -28.84 -0.66
CA LEU D 12 -5.36 -28.37 -0.32
C LEU D 12 -6.23 -29.53 0.16
N GLU D 13 -6.08 -30.70 -0.46
CA GLU D 13 -6.85 -31.86 0.00
C GLU D 13 -6.41 -32.29 1.40
N ASN D 14 -5.11 -32.21 1.67
CA ASN D 14 -4.58 -32.52 2.99
C ASN D 14 -5.15 -31.55 4.01
N PHE D 15 -5.15 -30.24 3.69
CA PHE D 15 -5.69 -29.28 4.64
C PHE D 15 -7.19 -29.51 4.94
N LYS D 16 -7.95 -29.81 3.91
CA LYS D 16 -9.39 -30.01 4.03
C LYS D 16 -9.70 -31.30 4.77
N ALA D 17 -9.02 -32.36 4.40
CA ALA D 17 -9.26 -33.65 5.06
C ALA D 17 -8.92 -33.65 6.55
N ASN D 18 -7.87 -32.94 6.94
CA ASN D 18 -7.44 -32.88 8.33
C ASN D 18 -7.91 -31.68 9.12
N GLN D 19 -8.76 -30.85 8.50
CA GLN D 19 -9.27 -29.64 9.16
C GLN D 19 -8.11 -28.87 9.76
N THR D 20 -7.04 -28.73 8.98
CA THR D 20 -5.83 -28.06 9.41
C THR D 20 -6.02 -26.53 9.54
N GLU D 21 -5.44 -25.94 10.58
CA GLU D 21 -5.54 -24.49 10.74
C GLU D 21 -4.57 -23.90 9.71
N VAL D 22 -5.09 -23.28 8.65
CA VAL D 22 -4.26 -22.74 7.59
C VAL D 22 -4.32 -21.21 7.66
N THR D 23 -3.18 -20.57 7.51
CA THR D 23 -3.20 -19.12 7.48
C THR D 23 -3.04 -18.76 6.03
N VAL D 24 -4.03 -18.05 5.51
CA VAL D 24 -4.01 -17.59 4.11
C VAL D 24 -3.50 -16.18 4.10
N PHE D 25 -2.42 -15.96 3.34
CA PHE D 25 -1.90 -14.61 3.15
C PHE D 25 -2.41 -14.11 1.82
N PHE D 26 -2.92 -12.89 1.79
CA PHE D 26 -3.45 -12.31 0.56
C PHE D 26 -2.40 -11.50 -0.14
N LEU D 27 -2.70 -11.08 -1.38
CA LEU D 27 -1.71 -10.28 -2.12
C LEU D 27 -1.30 -9.01 -1.41
N ASN D 28 -2.20 -8.41 -0.64
CA ASN D 28 -1.87 -7.15 0.03
C ASN D 28 -1.18 -7.39 1.36
N GLY D 29 -0.94 -8.66 1.67
CA GLY D 29 -0.26 -8.98 2.92
C GLY D 29 -1.12 -9.27 4.14
N PHE D 30 -2.43 -9.09 4.01
CA PHE D 30 -3.32 -9.40 5.12
C PHE D 30 -3.34 -10.92 5.33
N GLN D 31 -3.56 -11.37 6.55
CA GLN D 31 -3.62 -12.81 6.81
C GLN D 31 -4.90 -13.20 7.52
N MET D 32 -5.42 -14.38 7.15
CA MET D 32 -6.64 -14.90 7.76
C MET D 32 -6.38 -16.36 8.08
N LYS D 33 -6.61 -16.75 9.33
CA LYS D 33 -6.36 -18.11 9.77
C LYS D 33 -7.68 -18.78 9.92
N GLY D 34 -7.83 -19.94 9.28
CA GLY D 34 -9.07 -20.68 9.39
C GLY D 34 -8.90 -22.09 8.93
N VAL D 35 -10.03 -22.69 8.52
CA VAL D 35 -10.07 -24.06 8.03
C VAL D 35 -10.66 -24.10 6.62
N ILE D 36 -10.01 -24.86 5.73
CA ILE D 36 -10.48 -25.00 4.38
C ILE D 36 -11.59 -26.04 4.35
N GLU D 37 -12.77 -25.60 3.93
CA GLU D 37 -13.93 -26.47 3.85
C GLU D 37 -14.12 -27.07 2.45
N GLU D 38 -13.69 -26.34 1.42
CA GLU D 38 -13.82 -26.79 0.04
C GLU D 38 -12.98 -25.90 -0.86
N TYR D 39 -12.76 -26.38 -2.08
CA TYR D 39 -11.96 -25.60 -3.01
C TYR D 39 -12.13 -26.17 -4.40
N ASP D 40 -11.85 -25.34 -5.39
CA ASP D 40 -11.87 -25.78 -6.76
C ASP D 40 -10.76 -25.09 -7.54
N LYS D 41 -10.83 -25.09 -8.86
CA LYS D 41 -9.75 -24.47 -9.61
C LYS D 41 -9.55 -22.95 -9.38
N TYR D 42 -10.60 -22.25 -8.97
CA TYR D 42 -10.51 -20.81 -8.81
C TYR D 42 -10.69 -20.24 -7.43
N VAL D 43 -11.40 -20.96 -6.57
CA VAL D 43 -11.68 -20.46 -5.23
C VAL D 43 -11.43 -21.45 -4.14
N VAL D 44 -11.28 -20.92 -2.93
CA VAL D 44 -11.15 -21.69 -1.74
C VAL D 44 -12.15 -21.15 -0.72
N SER D 45 -12.85 -22.04 -0.02
CA SER D 45 -13.81 -21.68 1.03
C SER D 45 -13.11 -21.90 2.37
N LEU D 46 -12.95 -20.82 3.12
CA LEU D 46 -12.25 -20.84 4.38
C LEU D 46 -13.16 -20.39 5.51
N ASN D 47 -13.37 -21.23 6.51
CA ASN D 47 -14.18 -20.86 7.67
C ASN D 47 -13.24 -20.24 8.71
N SER D 48 -13.57 -19.04 9.15
CA SER D 48 -12.73 -18.33 10.10
C SER D 48 -13.61 -17.48 11.00
N GLN D 49 -13.37 -17.60 12.31
CA GLN D 49 -14.12 -16.86 13.34
C GLN D 49 -15.63 -16.82 13.14
N GLY D 50 -16.19 -17.99 12.85
CA GLY D 50 -17.63 -18.12 12.68
C GLY D 50 -18.24 -17.66 11.38
N LYS D 51 -17.40 -17.21 10.46
CA LYS D 51 -17.88 -16.73 9.17
C LYS D 51 -17.33 -17.55 8.02
N GLN D 52 -18.10 -17.60 6.93
CA GLN D 52 -17.71 -18.31 5.71
C GLN D 52 -17.07 -17.29 4.79
N HIS D 53 -15.95 -17.66 4.16
CA HIS D 53 -15.23 -16.77 3.22
C HIS D 53 -14.93 -17.49 1.92
N LEU D 54 -15.42 -16.99 0.79
CA LEU D 54 -15.13 -17.61 -0.51
C LEU D 54 -14.04 -16.71 -1.07
N ILE D 55 -12.85 -17.28 -1.19
CA ILE D 55 -11.64 -16.52 -1.58
C ILE D 55 -11.17 -16.89 -2.95
N TYR D 56 -10.92 -15.90 -3.80
CA TYR D 56 -10.36 -16.16 -5.09
C TYR D 56 -8.84 -16.52 -4.99
N LYS D 57 -8.43 -17.63 -5.61
CA LYS D 57 -7.00 -17.96 -5.61
C LYS D 57 -6.18 -16.83 -6.21
N HIS D 58 -6.76 -16.06 -7.15
CA HIS D 58 -5.97 -14.95 -7.69
C HIS D 58 -5.60 -13.94 -6.63
N ALA D 59 -6.33 -13.90 -5.50
CA ALA D 59 -5.99 -12.94 -4.45
C ALA D 59 -5.09 -13.50 -3.34
N ILE D 60 -4.72 -14.76 -3.46
CA ILE D 60 -3.91 -15.41 -2.46
C ILE D 60 -2.44 -15.39 -2.83
N SER D 61 -1.63 -15.08 -1.84
CA SER D 61 -0.16 -15.15 -1.97
C SER D 61 0.36 -16.51 -1.48
N THR D 62 0.01 -16.90 -0.26
CA THR D 62 0.52 -18.15 0.30
C THR D 62 -0.44 -18.81 1.26
N TYR D 63 -0.32 -20.14 1.38
CA TYR D 63 -1.06 -20.89 2.40
C TYR D 63 0.04 -21.29 3.38
N THR D 64 -0.14 -21.02 4.67
CA THR D 64 0.90 -21.39 5.60
C THR D 64 0.35 -22.25 6.71
N VAL D 65 1.08 -23.30 7.07
CA VAL D 65 0.67 -24.15 8.18
C VAL D 65 1.90 -24.31 9.11
N ASN E 6 -18.38 -26.10 -9.88
CA ASN E 6 -17.96 -24.66 -9.90
C ASN E 6 -18.60 -23.97 -8.69
N ILE E 7 -17.79 -23.90 -7.63
CA ILE E 7 -18.20 -23.34 -6.37
C ILE E 7 -18.62 -21.89 -6.50
N GLN E 8 -17.82 -21.11 -7.22
CA GLN E 8 -18.14 -19.72 -7.38
C GLN E 8 -19.48 -19.46 -8.10
N ASP E 9 -19.76 -20.19 -9.16
CA ASP E 9 -21.01 -19.96 -9.88
C ASP E 9 -22.21 -20.40 -9.03
N LYS E 10 -22.07 -21.51 -8.31
CA LYS E 10 -23.16 -21.99 -7.47
C LYS E 10 -23.42 -20.98 -6.38
N ALA E 11 -22.34 -20.48 -5.77
CA ALA E 11 -22.46 -19.51 -4.71
C ALA E 11 -23.08 -18.21 -5.18
N LEU E 12 -22.60 -17.66 -6.30
CA LEU E 12 -23.15 -16.43 -6.83
C LEU E 12 -24.63 -16.62 -7.25
N GLU E 13 -24.96 -17.80 -7.75
CA GLU E 13 -26.33 -18.07 -8.20
C GLU E 13 -27.26 -17.98 -6.99
N ASN E 14 -26.81 -18.54 -5.87
CA ASN E 14 -27.61 -18.54 -4.66
C ASN E 14 -27.66 -17.15 -4.05
N PHE E 15 -26.53 -16.44 -4.06
CA PHE E 15 -26.53 -15.09 -3.49
C PHE E 15 -27.52 -14.21 -4.23
N LYS E 16 -27.55 -14.33 -5.55
CA LYS E 16 -28.45 -13.53 -6.36
C LYS E 16 -29.90 -13.96 -6.19
N ALA E 17 -30.14 -15.25 -6.27
CA ALA E 17 -31.54 -15.69 -6.16
C ALA E 17 -32.15 -15.33 -4.81
N ASN E 18 -31.35 -15.42 -3.77
CA ASN E 18 -31.86 -15.19 -2.44
C ASN E 18 -31.59 -13.86 -1.79
N GLN E 19 -31.06 -12.93 -2.57
CA GLN E 19 -30.82 -11.58 -2.08
C GLN E 19 -29.99 -11.58 -0.80
N THR E 20 -28.96 -12.42 -0.77
CA THR E 20 -28.09 -12.54 0.38
C THR E 20 -27.26 -11.30 0.64
N GLU E 21 -27.17 -10.86 1.90
CA GLU E 21 -26.31 -9.69 2.19
C GLU E 21 -24.90 -10.26 2.22
N VAL E 22 -24.03 -9.71 1.39
CA VAL E 22 -22.68 -10.22 1.33
C VAL E 22 -21.72 -9.09 1.40
N THR E 23 -20.55 -9.37 1.94
CA THR E 23 -19.53 -8.36 1.98
C THR E 23 -18.46 -8.77 0.98
N VAL E 24 -18.16 -7.85 0.07
CA VAL E 24 -17.10 -8.06 -0.92
C VAL E 24 -15.83 -7.36 -0.45
N PHE E 25 -14.74 -8.14 -0.33
CA PHE E 25 -13.42 -7.53 -0.05
C PHE E 25 -12.62 -7.45 -1.36
N PHE E 26 -11.94 -6.34 -1.52
CA PHE E 26 -11.12 -6.11 -2.70
C PHE E 26 -9.67 -6.44 -2.47
N LEU E 27 -8.92 -6.46 -3.56
CA LEU E 27 -7.48 -6.75 -3.43
C LEU E 27 -6.74 -5.78 -2.50
N ASN E 28 -7.18 -4.53 -2.41
CA ASN E 28 -6.49 -3.64 -1.51
C ASN E 28 -7.00 -3.71 -0.06
N GLY E 29 -7.93 -4.65 0.21
CA GLY E 29 -8.46 -4.84 1.54
C GLY E 29 -9.68 -4.06 1.91
N PHE E 30 -10.11 -3.17 1.04
CA PHE E 30 -11.34 -2.43 1.31
C PHE E 30 -12.51 -3.37 1.17
N GLN E 31 -13.65 -2.97 1.72
CA GLN E 31 -14.81 -3.86 1.70
C GLN E 31 -16.09 -3.09 1.50
N MET E 32 -17.08 -3.79 0.97
CA MET E 32 -18.36 -3.17 0.68
C MET E 32 -19.42 -4.24 0.92
N LYS E 33 -20.46 -3.88 1.66
CA LYS E 33 -21.54 -4.79 1.98
C LYS E 33 -22.78 -4.45 1.13
N GLY E 34 -23.44 -5.46 0.57
CA GLY E 34 -24.63 -5.21 -0.22
C GLY E 34 -25.24 -6.50 -0.74
N VAL E 35 -26.05 -6.39 -1.78
CA VAL E 35 -26.72 -7.53 -2.39
C VAL E 35 -26.28 -7.66 -3.84
N ILE E 36 -25.95 -8.87 -4.25
CA ILE E 36 -25.53 -9.11 -5.62
C ILE E 36 -26.80 -9.23 -6.45
N GLU E 37 -26.94 -8.28 -7.35
CA GLU E 37 -28.14 -8.25 -8.21
C GLU E 37 -27.95 -8.96 -9.56
N GLU E 38 -26.72 -8.97 -10.06
CA GLU E 38 -26.41 -9.63 -11.33
C GLU E 38 -24.92 -10.01 -11.31
N TYR E 39 -24.53 -10.93 -12.17
CA TYR E 39 -23.12 -11.32 -12.27
C TYR E 39 -22.94 -12.11 -13.54
N ASP E 40 -21.71 -12.15 -14.00
CA ASP E 40 -21.39 -12.96 -15.14
C ASP E 40 -19.96 -13.46 -14.97
N LYS E 41 -19.33 -13.92 -16.03
CA LYS E 41 -17.99 -14.46 -15.93
C LYS E 41 -16.95 -13.47 -15.41
N TYR E 42 -17.15 -12.19 -15.66
CA TYR E 42 -16.15 -11.22 -15.30
C TYR E 42 -16.54 -10.15 -14.30
N VAL E 43 -17.84 -9.92 -14.07
CA VAL E 43 -18.24 -8.85 -13.17
C VAL E 43 -19.38 -9.27 -12.25
N VAL E 44 -19.51 -8.48 -11.20
CA VAL E 44 -20.56 -8.64 -10.20
C VAL E 44 -21.22 -7.29 -10.01
N SER E 45 -22.56 -7.21 -10.05
CA SER E 45 -23.24 -5.95 -9.80
C SER E 45 -23.77 -6.02 -8.37
N LEU E 46 -23.26 -5.12 -7.52
CA LEU E 46 -23.57 -5.10 -6.10
C LEU E 46 -24.31 -3.82 -5.71
N ASN E 47 -25.47 -3.96 -5.09
CA ASN E 47 -26.23 -2.80 -4.63
C ASN E 47 -25.86 -2.58 -3.14
N SER E 48 -25.34 -1.40 -2.80
CA SER E 48 -24.84 -1.07 -1.45
C SER E 48 -25.01 0.42 -1.09
N GLN E 49 -25.69 0.71 0.02
CA GLN E 49 -25.93 2.08 0.49
C GLN E 49 -26.14 3.20 -0.55
N GLY E 50 -27.30 3.22 -1.20
CA GLY E 50 -27.57 4.27 -2.18
C GLY E 50 -26.66 4.30 -3.39
N LYS E 51 -25.91 3.21 -3.60
CA LYS E 51 -25.00 3.12 -4.73
C LYS E 51 -25.05 1.77 -5.44
N GLN E 52 -24.88 1.78 -6.76
CA GLN E 52 -24.82 0.54 -7.52
C GLN E 52 -23.36 0.44 -7.87
N HIS E 53 -22.77 -0.75 -7.72
CA HIS E 53 -21.35 -0.95 -8.02
C HIS E 53 -21.18 -2.08 -9.00
N LEU E 54 -20.55 -1.79 -10.14
CA LEU E 54 -20.27 -2.85 -11.12
C LEU E 54 -18.80 -3.18 -10.80
N ILE E 55 -18.58 -4.38 -10.28
CA ILE E 55 -17.25 -4.76 -9.80
C ILE E 55 -16.58 -5.80 -10.67
N TYR E 56 -15.30 -5.61 -11.02
CA TYR E 56 -14.63 -6.66 -11.75
C TYR E 56 -14.15 -7.78 -10.78
N LYS E 57 -14.43 -9.02 -11.15
CA LYS E 57 -13.96 -10.13 -10.34
C LYS E 57 -12.44 -10.10 -10.17
N HIS E 58 -11.73 -9.57 -11.17
CA HIS E 58 -10.29 -9.50 -11.00
C HIS E 58 -9.83 -8.66 -9.82
N ALA E 59 -10.73 -7.78 -9.33
CA ALA E 59 -10.39 -6.95 -8.19
C ALA E 59 -10.92 -7.47 -6.87
N ILE E 60 -11.66 -8.58 -6.93
CA ILE E 60 -12.22 -9.14 -5.70
C ILE E 60 -11.28 -10.13 -5.04
N SER E 61 -11.15 -10.01 -3.72
CA SER E 61 -10.38 -11.02 -2.95
C SER E 61 -11.31 -12.06 -2.32
N THR E 62 -12.39 -11.61 -1.66
CA THR E 62 -13.22 -12.53 -0.90
C THR E 62 -14.67 -12.10 -0.86
N TYR E 63 -15.56 -13.09 -0.77
CA TYR E 63 -16.97 -12.80 -0.49
C TYR E 63 -17.20 -13.36 0.90
N THR E 64 -17.81 -12.60 1.80
CA THR E 64 -18.08 -13.14 3.11
C THR E 64 -19.53 -13.02 3.36
N VAL E 65 -20.06 -14.03 4.04
CA VAL E 65 -21.45 -14.11 4.43
C VAL E 65 -21.40 -14.76 5.81
N GLU E 66 -22.47 -14.60 6.57
CA GLU E 66 -22.58 -15.16 7.91
C GLU E 66 -22.49 -16.70 7.91
N ASN F 6 -24.75 -9.22 -22.00
CA ASN F 6 -23.43 -8.98 -21.34
C ASN F 6 -23.52 -7.80 -20.35
N ILE F 7 -23.50 -8.14 -19.05
CA ILE F 7 -23.66 -7.15 -17.99
C ILE F 7 -22.75 -5.94 -18.10
N GLN F 8 -21.48 -6.19 -18.36
CA GLN F 8 -20.54 -5.10 -18.44
C GLN F 8 -20.78 -4.13 -19.58
N ASP F 9 -21.01 -4.68 -20.76
CA ASP F 9 -21.24 -3.85 -21.94
C ASP F 9 -22.57 -3.08 -21.86
N LYS F 10 -23.58 -3.72 -21.27
CA LYS F 10 -24.89 -3.09 -21.13
C LYS F 10 -24.73 -1.88 -20.21
N ALA F 11 -23.95 -2.06 -19.14
CA ALA F 11 -23.79 -0.97 -18.21
C ALA F 11 -23.01 0.16 -18.83
N LEU F 12 -21.87 -0.14 -19.44
CA LEU F 12 -21.08 0.92 -20.05
C LEU F 12 -21.82 1.63 -21.18
N GLU F 13 -22.66 0.88 -21.88
CA GLU F 13 -23.45 1.44 -22.98
C GLU F 13 -24.42 2.46 -22.38
N ASN F 14 -25.03 2.09 -21.24
CA ASN F 14 -25.99 2.97 -20.55
C ASN F 14 -25.25 4.22 -20.07
N PHE F 15 -24.11 4.03 -19.40
CA PHE F 15 -23.37 5.17 -18.89
C PHE F 15 -22.97 6.15 -20.02
N LYS F 16 -22.47 5.61 -21.13
CA LYS F 16 -22.06 6.45 -22.24
C LYS F 16 -23.25 7.19 -22.87
N ALA F 17 -24.32 6.44 -23.14
CA ALA F 17 -25.51 7.01 -23.79
C ALA F 17 -26.23 8.06 -22.95
N ASN F 18 -26.11 7.95 -21.63
CA ASN F 18 -26.77 8.90 -20.75
C ASN F 18 -25.85 9.92 -20.11
N GLN F 19 -24.56 9.91 -20.49
CA GLN F 19 -23.60 10.86 -19.94
C GLN F 19 -23.67 10.84 -18.41
N THR F 20 -23.77 9.63 -17.88
CA THR F 20 -23.87 9.39 -16.45
C THR F 20 -22.60 9.73 -15.69
N GLU F 21 -22.74 10.33 -14.50
CA GLU F 21 -21.55 10.65 -13.66
C GLU F 21 -21.12 9.34 -13.02
N VAL F 22 -20.00 8.81 -13.49
CA VAL F 22 -19.49 7.52 -13.02
C VAL F 22 -18.22 7.73 -12.19
N THR F 23 -18.15 7.05 -11.05
CA THR F 23 -16.93 7.13 -10.23
C THR F 23 -16.23 5.82 -10.47
N VAL F 24 -15.01 5.90 -11.01
CA VAL F 24 -14.20 4.69 -11.29
C VAL F 24 -13.24 4.52 -10.12
N PHE F 25 -13.30 3.35 -9.48
CA PHE F 25 -12.35 3.02 -8.40
C PHE F 25 -11.30 2.13 -9.04
N PHE F 26 -10.05 2.38 -8.66
CA PHE F 26 -8.91 1.63 -9.19
C PHE F 26 -8.48 0.54 -8.21
N LEU F 27 -7.61 -0.36 -8.65
CA LEU F 27 -7.17 -1.43 -7.76
C LEU F 27 -6.54 -0.92 -6.48
N ASN F 28 -5.88 0.24 -6.53
CA ASN F 28 -5.25 0.73 -5.32
C ASN F 28 -6.23 1.47 -4.43
N GLY F 29 -7.52 1.56 -4.83
CA GLY F 29 -8.51 2.26 -4.02
C GLY F 29 -8.74 3.72 -4.37
N PHE F 30 -7.92 4.29 -5.25
CA PHE F 30 -8.15 5.68 -5.62
C PHE F 30 -9.42 5.74 -6.48
N GLN F 31 -10.03 6.91 -6.54
CA GLN F 31 -11.24 7.07 -7.32
C GLN F 31 -11.18 8.31 -8.21
N MET F 32 -11.94 8.24 -9.28
CA MET F 32 -12.00 9.37 -10.17
C MET F 32 -13.44 9.43 -10.64
N LYS F 33 -14.11 10.57 -10.40
CA LYS F 33 -15.51 10.75 -10.81
C LYS F 33 -15.52 11.50 -12.12
N GLY F 34 -16.20 10.94 -13.14
CA GLY F 34 -16.29 11.57 -14.45
C GLY F 34 -17.35 11.00 -15.39
N VAL F 35 -17.21 11.23 -16.69
CA VAL F 35 -18.18 10.73 -17.69
C VAL F 35 -17.50 9.83 -18.72
N ILE F 36 -18.06 8.64 -18.96
CA ILE F 36 -17.51 7.70 -19.94
C ILE F 36 -17.82 8.23 -21.31
N GLU F 37 -16.77 8.50 -22.06
CA GLU F 37 -16.90 9.04 -23.39
C GLU F 37 -16.83 7.92 -24.43
N GLU F 38 -15.99 6.91 -24.17
CA GLU F 38 -15.83 5.76 -25.05
C GLU F 38 -15.20 4.60 -24.28
N TYR F 39 -15.33 3.40 -24.81
CA TYR F 39 -14.79 2.20 -24.19
C TYR F 39 -14.68 1.10 -25.21
N ASP F 40 -13.91 0.08 -24.89
CA ASP F 40 -13.79 -1.10 -25.71
C ASP F 40 -13.38 -2.26 -24.84
N LYS F 41 -12.96 -3.37 -25.42
CA LYS F 41 -12.58 -4.55 -24.66
C LYS F 41 -11.54 -4.33 -23.56
N TYR F 42 -10.61 -3.43 -23.80
CA TYR F 42 -9.50 -3.22 -22.86
C TYR F 42 -9.38 -1.90 -22.15
N VAL F 43 -10.01 -0.82 -22.68
CA VAL F 43 -9.88 0.48 -22.06
C VAL F 43 -11.21 1.24 -21.99
N VAL F 44 -11.20 2.25 -21.16
CA VAL F 44 -12.33 3.17 -20.98
C VAL F 44 -11.79 4.61 -21.05
N SER F 45 -12.48 5.50 -21.76
CA SER F 45 -12.05 6.90 -21.82
C SER F 45 -12.97 7.68 -20.90
N LEU F 46 -12.41 8.32 -19.89
CA LEU F 46 -13.16 9.07 -18.89
C LEU F 46 -12.84 10.57 -18.74
N ASN F 47 -13.82 11.44 -18.98
CA ASN F 47 -13.63 12.88 -18.82
C ASN F 47 -13.82 13.29 -17.35
N SER F 48 -12.84 13.96 -16.74
CA SER F 48 -12.98 14.33 -15.35
C SER F 48 -12.28 15.63 -15.07
N GLN F 49 -13.04 16.58 -14.52
CA GLN F 49 -12.50 17.88 -14.20
C GLN F 49 -11.74 18.49 -15.37
N GLY F 50 -12.31 18.39 -16.56
CA GLY F 50 -11.67 18.96 -17.73
C GLY F 50 -10.69 18.11 -18.52
N LYS F 51 -10.03 17.17 -17.85
CA LYS F 51 -9.04 16.33 -18.49
C LYS F 51 -9.60 15.02 -19.01
N GLN F 52 -8.91 14.44 -19.98
CA GLN F 52 -9.28 13.16 -20.57
C GLN F 52 -8.39 12.09 -19.94
N HIS F 53 -8.99 10.95 -19.64
CA HIS F 53 -8.23 9.87 -19.04
C HIS F 53 -8.49 8.60 -19.83
N LEU F 54 -7.43 7.91 -20.25
CA LEU F 54 -7.58 6.65 -20.94
C LEU F 54 -7.18 5.62 -19.88
N ILE F 55 -8.15 4.82 -19.45
CA ILE F 55 -7.94 3.88 -18.34
C ILE F 55 -7.99 2.43 -18.76
N TYR F 56 -7.04 1.63 -18.28
CA TYR F 56 -7.05 0.21 -18.59
C TYR F 56 -8.07 -0.48 -17.67
N LYS F 57 -8.91 -1.33 -18.25
CA LYS F 57 -9.88 -2.07 -17.40
C LYS F 57 -9.13 -2.97 -16.42
N HIS F 58 -7.93 -3.43 -16.76
CA HIS F 58 -7.21 -4.24 -15.79
C HIS F 58 -6.88 -3.52 -14.51
N ALA F 59 -6.92 -2.19 -14.54
CA ALA F 59 -6.62 -1.40 -13.36
C ALA F 59 -7.87 -0.94 -12.63
N ILE F 60 -9.04 -1.28 -13.17
CA ILE F 60 -10.28 -0.86 -12.54
C ILE F 60 -10.80 -1.90 -11.56
N SER F 61 -11.29 -1.43 -10.41
CA SER F 61 -11.95 -2.33 -9.45
C SER F 61 -13.46 -2.24 -9.58
N THR F 62 -14.01 -1.02 -9.60
CA THR F 62 -15.46 -0.84 -9.68
C THR F 62 -15.87 0.40 -10.44
N TYR F 63 -17.06 0.35 -11.04
CA TYR F 63 -17.67 1.54 -11.60
C TYR F 63 -18.81 1.78 -10.63
N THR F 64 -18.91 2.98 -10.06
CA THR F 64 -19.98 3.21 -9.12
C THR F 64 -20.78 4.41 -9.56
N VAL F 65 -22.05 4.28 -9.44
CA VAL F 65 -22.97 5.38 -9.74
C VAL F 65 -23.99 5.55 -8.61
N GLU F 66 -24.55 6.71 -8.46
CA GLU F 66 -25.59 6.92 -7.45
C GLU F 66 -26.80 6.10 -7.90
N ASN G 6 20.13 21.31 13.22
CA ASN G 6 21.38 21.82 12.59
C ASN G 6 21.71 21.06 11.31
N ILE G 7 21.75 19.74 11.41
CA ILE G 7 22.07 18.91 10.25
C ILE G 7 21.12 19.03 9.06
N GLN G 8 19.81 18.94 9.26
CA GLN G 8 18.93 19.07 8.10
C GLN G 8 18.94 20.50 7.56
N ASP G 9 19.04 21.48 8.44
CA ASP G 9 19.07 22.87 8.01
C ASP G 9 20.31 23.17 7.16
N LYS G 10 21.46 22.63 7.57
CA LYS G 10 22.69 22.85 6.83
C LYS G 10 22.62 22.17 5.47
N ALA G 11 22.04 20.98 5.42
CA ALA G 11 21.95 20.28 4.16
C ALA G 11 21.00 21.01 3.22
N LEU G 12 19.86 21.44 3.76
CA LEU G 12 18.87 22.14 2.97
C LEU G 12 19.37 23.49 2.46
N GLU G 13 20.12 24.21 3.30
CA GLU G 13 20.63 25.50 2.83
C GLU G 13 21.60 25.26 1.66
N ASN G 14 22.36 24.18 1.75
CA ASN G 14 23.32 23.78 0.73
C ASN G 14 22.56 23.39 -0.55
N PHE G 15 21.48 22.62 -0.42
CA PHE G 15 20.72 22.24 -1.60
C PHE G 15 20.15 23.48 -2.30
N LYS G 16 19.61 24.40 -1.50
CA LYS G 16 19.02 25.60 -2.02
C LYS G 16 20.09 26.52 -2.62
N ALA G 17 21.14 26.77 -1.88
CA ALA G 17 22.20 27.65 -2.37
C ALA G 17 22.80 27.15 -3.69
N ASN G 18 23.00 25.84 -3.81
CA ASN G 18 23.60 25.29 -5.02
C ASN G 18 22.63 24.82 -6.08
N GLN G 19 21.33 24.95 -5.83
CA GLN G 19 20.34 24.51 -6.80
C GLN G 19 20.59 23.04 -7.16
N THR G 20 20.92 22.27 -6.14
CA THR G 20 21.20 20.84 -6.29
C THR G 20 19.95 20.07 -6.73
N GLU G 21 20.14 19.08 -7.60
CA GLU G 21 18.99 18.28 -8.03
C GLU G 21 18.79 17.29 -6.89
N VAL G 22 17.69 17.46 -6.19
CA VAL G 22 17.37 16.64 -5.05
C VAL G 22 16.19 15.73 -5.39
N THR G 23 16.30 14.45 -5.03
CA THR G 23 15.19 13.53 -5.21
C THR G 23 14.58 13.37 -3.82
N VAL G 24 13.34 13.82 -3.68
CA VAL G 24 12.63 13.71 -2.41
C VAL G 24 11.79 12.43 -2.46
N PHE G 25 11.98 11.57 -1.47
CA PHE G 25 11.19 10.35 -1.32
C PHE G 25 10.18 10.66 -0.25
N PHE G 26 8.96 10.20 -0.49
CA PHE G 26 7.85 10.42 0.41
C PHE G 26 7.60 9.18 1.27
N LEU G 27 6.78 9.32 2.31
CA LEU G 27 6.48 8.17 3.17
C LEU G 27 5.94 6.97 2.42
N ASN G 28 5.23 7.20 1.33
CA ASN G 28 4.67 6.07 0.61
C ASN G 28 5.64 5.51 -0.43
N GLY G 29 6.84 6.06 -0.44
CA GLY G 29 7.84 5.57 -1.38
C GLY G 29 7.89 6.25 -2.71
N PHE G 30 6.90 7.09 -3.04
CA PHE G 30 6.97 7.84 -4.31
C PHE G 30 8.18 8.76 -4.24
N GLN G 31 8.64 9.21 -5.39
CA GLN G 31 9.79 10.10 -5.42
C GLN G 31 9.58 11.22 -6.42
N MET G 32 10.24 12.35 -6.15
CA MET G 32 10.11 13.51 -7.02
C MET G 32 11.44 14.22 -7.02
N LYS G 33 11.97 14.42 -8.24
CA LYS G 33 13.26 15.02 -8.42
C LYS G 33 13.05 16.45 -8.86
N GLY G 34 13.73 17.35 -8.16
CA GLY G 34 13.63 18.76 -8.47
C GLY G 34 14.67 19.57 -7.72
N VAL G 35 14.40 20.87 -7.66
CA VAL G 35 15.27 21.83 -7.01
C VAL G 35 14.50 22.52 -5.91
N ILE G 36 15.12 22.58 -4.73
CA ILE G 36 14.54 23.20 -3.54
C ILE G 36 14.73 24.71 -3.66
N GLU G 37 13.62 25.43 -3.73
CA GLU G 37 13.70 26.90 -3.88
C GLU G 37 13.57 27.62 -2.56
N GLU G 38 12.85 27.01 -1.62
CA GLU G 38 12.65 27.62 -0.32
C GLU G 38 12.29 26.54 0.68
N TYR G 39 12.54 26.79 1.95
CA TYR G 39 12.18 25.79 2.97
C TYR G 39 12.09 26.48 4.30
N ASP G 40 11.35 25.88 5.21
CA ASP G 40 11.27 26.43 6.55
C ASP G 40 11.19 25.25 7.51
N LYS G 41 10.76 25.45 8.76
CA LYS G 41 10.73 24.34 9.72
C LYS G 41 9.76 23.23 9.35
N TYR G 42 8.74 23.57 8.59
CA TYR G 42 7.71 22.58 8.28
C TYR G 42 7.56 22.13 6.85
N VAL G 43 7.99 22.93 5.90
CA VAL G 43 7.80 22.57 4.50
C VAL G 43 9.00 22.87 3.65
N VAL G 44 9.01 22.27 2.46
CA VAL G 44 10.03 22.47 1.45
C VAL G 44 9.33 22.82 0.13
N SER G 45 9.80 23.84 -0.57
CA SER G 45 9.22 24.21 -1.85
C SER G 45 10.13 23.63 -2.91
N LEU G 46 9.60 22.68 -3.69
CA LEU G 46 10.40 22.00 -4.70
C LEU G 46 9.88 22.27 -6.10
N ASN G 47 10.77 22.74 -6.98
CA ASN G 47 10.40 22.99 -8.35
C ASN G 47 10.76 21.72 -9.12
N SER G 48 9.76 21.06 -9.69
CA SER G 48 9.98 19.85 -10.46
C SER G 48 9.17 19.88 -11.73
N GLN G 49 9.86 19.63 -12.85
CA GLN G 49 9.25 19.64 -14.18
C GLN G 49 8.42 20.91 -14.36
N GLY G 50 9.03 22.04 -13.96
CA GLY G 50 8.43 23.36 -14.07
C GLY G 50 7.28 23.72 -13.16
N LYS G 51 6.88 22.78 -12.31
CA LYS G 51 5.76 22.98 -11.40
C LYS G 51 6.26 23.10 -9.97
N GLN G 52 5.61 23.96 -9.18
CA GLN G 52 6.01 24.12 -7.79
C GLN G 52 5.23 23.12 -6.94
N HIS G 53 5.91 22.55 -5.95
CA HIS G 53 5.30 21.59 -5.01
C HIS G 53 5.67 22.02 -3.61
N LEU G 54 4.66 22.32 -2.82
CA LEU G 54 4.91 22.71 -1.43
C LEU G 54 4.72 21.41 -0.66
N ILE G 55 5.82 20.90 -0.11
CA ILE G 55 5.80 19.57 0.53
C ILE G 55 5.97 19.63 2.06
N TYR G 56 5.14 18.93 2.85
CA TYR G 56 5.33 18.87 4.27
C TYR G 56 6.46 17.90 4.62
N LYS G 57 7.39 18.37 5.46
CA LYS G 57 8.48 17.49 5.91
C LYS G 57 7.92 16.25 6.59
N HIS G 58 6.76 16.36 7.24
CA HIS G 58 6.19 15.17 7.85
C HIS G 58 5.87 14.09 6.86
N ALA G 59 5.82 14.44 5.59
CA ALA G 59 5.52 13.42 4.57
C ALA G 59 6.77 12.95 3.82
N ILE G 60 7.93 13.50 4.18
CA ILE G 60 9.18 13.12 3.55
C ILE G 60 9.89 12.03 4.29
N SER G 61 10.41 11.07 3.53
CA SER G 61 11.23 10.02 4.14
C SER G 61 12.72 10.36 3.98
N THR G 62 13.12 10.73 2.77
CA THR G 62 14.56 10.99 2.48
C THR G 62 14.77 12.02 1.43
N TYR G 63 15.92 12.70 1.53
CA TYR G 63 16.37 13.63 0.52
C TYR G 63 17.58 12.90 -0.01
N THR G 64 17.62 12.66 -1.31
CA THR G 64 18.76 11.96 -1.90
C THR G 64 19.37 12.77 -3.01
N VAL G 65 20.68 12.78 -3.02
CA VAL G 65 21.39 13.51 -4.02
C VAL G 65 22.58 12.65 -4.44
N GLU G 66 23.15 13.02 -5.58
CA GLU G 66 24.32 12.38 -6.18
C GLU G 66 24.01 11.07 -6.92
N ASN H 6 20.83 6.09 26.65
CA ASN H 6 19.91 6.12 25.46
C ASN H 6 20.31 5.05 24.44
N ILE H 7 19.51 3.99 24.36
CA ILE H 7 19.76 2.89 23.43
C ILE H 7 20.03 3.33 22.00
N GLN H 8 19.16 4.20 21.50
CA GLN H 8 19.26 4.68 20.15
C GLN H 8 20.57 5.40 19.87
N ASP H 9 20.91 6.31 20.78
CA ASP H 9 22.12 7.10 20.63
C ASP H 9 23.35 6.22 20.74
N LYS H 10 23.33 5.30 21.69
CA LYS H 10 24.45 4.40 21.87
C LYS H 10 24.68 3.56 20.61
N ALA H 11 23.60 3.10 19.98
CA ALA H 11 23.76 2.30 18.77
C ALA H 11 24.26 3.11 17.56
N LEU H 12 23.64 4.25 17.30
CA LEU H 12 24.04 5.05 16.15
C LEU H 12 25.50 5.56 16.30
N GLU H 13 25.89 5.90 17.52
CA GLU H 13 27.24 6.38 17.81
C GLU H 13 28.17 5.24 17.44
N ASN H 14 27.82 4.04 17.87
CA ASN H 14 28.61 2.85 17.57
C ASN H 14 28.62 2.56 16.06
N PHE H 15 27.47 2.67 15.39
CA PHE H 15 27.45 2.41 13.96
C PHE H 15 28.31 3.41 13.22
N LYS H 16 28.28 4.66 13.65
CA LYS H 16 29.04 5.72 13.01
C LYS H 16 30.54 5.44 13.18
N ALA H 17 31.01 5.46 14.43
CA ALA H 17 32.41 5.22 14.74
C ALA H 17 33.01 3.98 14.09
N ASN H 18 32.24 2.89 14.05
CA ASN H 18 32.73 1.66 13.45
C ASN H 18 32.42 1.58 11.96
N GLN H 19 31.83 2.66 11.42
CA GLN H 19 31.50 2.69 9.99
C GLN H 19 30.79 1.42 9.53
N THR H 20 29.91 0.90 10.39
CA THR H 20 29.17 -0.33 10.12
C THR H 20 28.18 -0.25 8.96
N GLU H 21 27.99 -1.38 8.30
CA GLU H 21 27.06 -1.53 7.18
C GLU H 21 25.67 -1.73 7.74
N VAL H 22 24.93 -0.63 7.89
CA VAL H 22 23.57 -0.73 8.43
C VAL H 22 22.49 -0.69 7.37
N THR H 23 21.50 -1.58 7.52
CA THR H 23 20.36 -1.59 6.59
C THR H 23 19.19 -0.86 7.28
N VAL H 24 18.70 0.18 6.62
CA VAL H 24 17.60 0.98 7.15
C VAL H 24 16.32 0.56 6.47
N PHE H 25 15.32 0.23 7.31
CA PHE H 25 14.02 -0.12 6.77
C PHE H 25 13.12 1.06 7.03
N PHE H 26 12.34 1.41 6.01
CA PHE H 26 11.38 2.52 6.11
C PHE H 26 9.99 2.05 6.46
N LEU H 27 9.16 3.04 6.80
CA LEU H 27 7.78 2.73 7.15
C LEU H 27 7.03 1.98 6.08
N ASN H 28 7.35 2.25 4.82
CA ASN H 28 6.67 1.55 3.75
C ASN H 28 7.28 0.17 3.48
N GLY H 29 8.33 -0.20 4.21
CA GLY H 29 8.91 -1.53 4.02
C GLY H 29 10.13 -1.55 3.12
N PHE H 30 10.38 -0.45 2.41
CA PHE H 30 11.53 -0.43 1.53
C PHE H 30 12.79 -0.48 2.38
N GLN H 31 13.84 -1.07 1.82
CA GLN H 31 15.08 -1.15 2.57
C GLN H 31 16.22 -0.64 1.74
N MET H 32 17.18 -0.08 2.43
CA MET H 32 18.36 0.47 1.80
C MET H 32 19.54 0.14 2.71
N LYS H 33 20.54 -0.54 2.14
CA LYS H 33 21.75 -0.91 2.86
C LYS H 33 22.80 0.15 2.56
N GLY H 34 23.40 0.71 3.61
CA GLY H 34 24.43 1.73 3.45
C GLY H 34 25.25 1.97 4.71
N VAL H 35 26.00 3.07 4.73
CA VAL H 35 26.83 3.44 5.88
C VAL H 35 26.43 4.78 6.49
N ILE H 36 26.42 4.86 7.82
CA ILE H 36 26.02 6.07 8.56
C ILE H 36 27.14 7.05 8.94
N GLU H 37 27.22 8.18 8.23
CA GLU H 37 28.25 9.19 8.48
C GLU H 37 27.94 10.18 9.59
N GLU H 38 26.66 10.47 9.80
CA GLU H 38 26.26 11.41 10.82
C GLU H 38 24.79 11.29 11.14
N TYR H 39 24.38 11.88 12.25
CA TYR H 39 23.00 11.82 12.68
C TYR H 39 22.77 12.79 13.82
N ASP H 40 21.51 13.04 14.11
CA ASP H 40 21.13 13.86 15.23
C ASP H 40 19.76 13.42 15.71
N LYS H 41 19.07 14.23 16.50
CA LYS H 41 17.80 13.77 17.03
C LYS H 41 16.67 13.59 16.01
N TYR H 42 16.85 14.15 14.81
CA TYR H 42 15.80 14.09 13.79
C TYR H 42 16.14 13.38 12.51
N VAL H 43 17.42 13.34 12.15
CA VAL H 43 17.83 12.78 10.89
C VAL H 43 19.06 11.89 10.94
N VAL H 44 19.25 11.15 9.88
CA VAL H 44 20.38 10.24 9.74
C VAL H 44 20.94 10.38 8.34
N SER H 45 22.25 10.56 8.24
CA SER H 45 22.86 10.67 6.92
C SER H 45 23.50 9.35 6.57
N LEU H 46 23.01 8.74 5.48
CA LEU H 46 23.46 7.43 4.98
C LEU H 46 24.05 7.52 3.55
N ASN H 47 24.83 6.51 3.18
CA ASN H 47 25.50 6.41 1.87
C ASN H 47 25.27 5.02 1.24
N SER H 48 24.59 4.96 0.11
CA SER H 48 24.29 3.68 -0.52
C SER H 48 24.42 3.74 -2.04
N GLN H 49 25.24 2.84 -2.58
CA GLN H 49 25.53 2.74 -4.00
C GLN H 49 25.76 4.08 -4.75
N GLY H 50 26.63 4.91 -4.19
CA GLY H 50 26.98 6.17 -4.82
C GLY H 50 26.02 7.33 -4.65
N LYS H 51 25.26 7.30 -3.56
CA LYS H 51 24.32 8.37 -3.29
C LYS H 51 24.35 8.69 -1.82
N GLN H 52 24.01 9.93 -1.49
CA GLN H 52 23.96 10.38 -0.11
C GLN H 52 22.46 10.46 0.17
N HIS H 53 22.07 10.11 1.39
CA HIS H 53 20.66 10.14 1.79
C HIS H 53 20.55 10.81 3.15
N LEU H 54 19.67 11.81 3.23
CA LEU H 54 19.40 12.48 4.48
C LEU H 54 18.02 11.91 4.81
N ILE H 55 17.94 11.12 5.86
CA ILE H 55 16.71 10.41 6.22
C ILE H 55 16.11 10.90 7.48
N TYR H 56 14.78 11.10 7.47
CA TYR H 56 14.11 11.49 8.68
C TYR H 56 13.82 10.26 9.51
N LYS H 57 14.17 10.35 10.79
CA LYS H 57 13.93 9.23 11.70
C LYS H 57 12.42 8.93 11.74
N HIS H 58 11.56 9.92 11.50
CA HIS H 58 10.11 9.66 11.55
C HIS H 58 9.70 8.69 10.45
N ALA H 59 10.54 8.49 9.44
CA ALA H 59 10.18 7.57 8.36
C ALA H 59 10.88 6.20 8.49
N ILE H 60 11.72 6.05 9.53
CA ILE H 60 12.45 4.80 9.73
C ILE H 60 11.70 3.82 10.60
N SER H 61 11.67 2.54 10.19
CA SER H 61 11.08 1.50 11.04
C SER H 61 12.17 0.80 11.84
N THR H 62 13.26 0.41 11.18
CA THR H 62 14.29 -0.34 11.89
C THR H 62 15.64 -0.13 11.29
N TYR H 63 16.66 -0.36 12.10
CA TYR H 63 18.05 -0.35 11.64
C TYR H 63 18.44 -1.81 11.82
N THR H 64 18.98 -2.44 10.80
CA THR H 64 19.32 -3.85 10.96
C THR H 64 20.77 -4.04 10.56
N VAL H 65 21.47 -4.88 11.32
CA VAL H 65 22.86 -5.17 11.01
C VAL H 65 23.03 -6.68 11.17
N GLU H 66 23.85 -7.30 10.30
CA GLU H 66 24.10 -8.73 10.40
C GLU H 66 25.00 -8.99 11.61
N ASN I 6 5.18 31.76 8.35
CA ASN I 6 6.08 30.83 7.64
C ASN I 6 5.62 30.60 6.19
N ILE I 7 6.32 29.75 5.46
CA ILE I 7 6.00 29.49 4.07
C ILE I 7 4.59 28.97 3.78
N GLN I 8 4.10 27.98 4.53
CA GLN I 8 2.77 27.46 4.22
C GLN I 8 1.65 28.47 4.50
N ASP I 9 1.81 29.30 5.53
CA ASP I 9 0.77 30.27 5.83
C ASP I 9 0.74 31.27 4.68
N LYS I 10 1.91 31.67 4.21
CA LYS I 10 1.94 32.60 3.10
C LYS I 10 1.30 32.00 1.85
N ALA I 11 1.62 30.74 1.58
CA ALA I 11 1.10 30.08 0.41
C ALA I 11 -0.41 29.85 0.46
N LEU I 12 -0.88 29.33 1.59
CA LEU I 12 -2.31 29.04 1.73
C LEU I 12 -3.11 30.33 1.68
N GLU I 13 -2.56 31.38 2.27
CA GLU I 13 -3.26 32.67 2.24
C GLU I 13 -3.44 33.10 0.79
N ASN I 14 -2.40 32.92 -0.02
CA ASN I 14 -2.45 33.28 -1.42
C ASN I 14 -3.44 32.44 -2.21
N PHE I 15 -3.46 31.13 -1.95
CA PHE I 15 -4.36 30.29 -2.67
C PHE I 15 -5.81 30.64 -2.38
N LYS I 16 -6.06 30.99 -1.14
CA LYS I 16 -7.41 31.28 -0.75
C LYS I 16 -7.87 32.62 -1.33
N ALA I 17 -7.06 33.65 -1.15
CA ALA I 17 -7.38 34.99 -1.64
C ALA I 17 -7.68 34.95 -3.15
N ASN I 18 -6.90 34.18 -3.90
CA ASN I 18 -7.09 34.09 -5.33
C ASN I 18 -8.03 32.98 -5.77
N GLN I 19 -8.55 32.24 -4.79
CA GLN I 19 -9.48 31.15 -5.10
C GLN I 19 -8.83 30.25 -6.15
N THR I 20 -7.52 30.02 -6.03
CA THR I 20 -6.87 29.21 -7.02
C THR I 20 -7.14 27.70 -6.88
N GLU I 21 -7.23 27.02 -8.03
CA GLU I 21 -7.48 25.59 -8.10
C GLU I 21 -6.20 24.92 -7.62
N VAL I 22 -6.24 24.31 -6.45
CA VAL I 22 -5.05 23.71 -5.85
C VAL I 22 -5.24 22.19 -5.82
N THR I 23 -4.18 21.46 -6.08
CA THR I 23 -4.23 19.99 -5.97
C THR I 23 -3.55 19.63 -4.65
N VAL I 24 -4.28 18.91 -3.80
CA VAL I 24 -3.75 18.44 -2.53
C VAL I 24 -3.44 16.95 -2.69
N PHE I 25 -2.18 16.58 -2.42
CA PHE I 25 -1.77 15.15 -2.41
C PHE I 25 -1.75 14.69 -0.97
N PHE I 26 -2.24 13.47 -0.76
CA PHE I 26 -2.26 12.87 0.58
C PHE I 26 -1.09 11.93 0.83
N LEU I 27 -0.91 11.52 2.08
CA LEU I 27 0.19 10.59 2.41
C LEU I 27 0.16 9.30 1.62
N ASN I 28 -1.03 8.85 1.24
CA ASN I 28 -1.11 7.61 0.48
C ASN I 28 -0.94 7.83 -1.01
N GLY I 29 -0.76 9.08 -1.43
CA GLY I 29 -0.56 9.37 -2.84
C GLY I 29 -1.76 9.79 -3.64
N PHE I 30 -2.93 9.71 -3.03
CA PHE I 30 -4.18 10.09 -3.68
C PHE I 30 -4.15 11.60 -3.78
N GLN I 31 -4.91 12.15 -4.70
CA GLN I 31 -4.92 13.59 -4.87
C GLN I 31 -6.32 14.08 -5.15
N MET I 32 -6.56 15.32 -4.74
CA MET I 32 -7.82 15.96 -5.01
C MET I 32 -7.61 17.43 -5.34
N LYS I 33 -8.33 17.91 -6.35
CA LYS I 33 -8.20 19.30 -6.81
C LYS I 33 -9.44 20.08 -6.39
N GLY I 34 -9.23 21.31 -5.91
CA GLY I 34 -10.37 22.12 -5.49
C GLY I 34 -9.90 23.49 -5.04
N VAL I 35 -10.78 24.25 -4.41
CA VAL I 35 -10.43 25.57 -3.95
C VAL I 35 -10.37 25.63 -2.44
N ILE I 36 -9.33 26.27 -1.92
CA ILE I 36 -9.16 26.42 -0.49
C ILE I 36 -9.99 27.58 0.02
N GLU I 37 -11.00 27.27 0.81
CA GLU I 37 -11.89 28.30 1.36
C GLU I 37 -11.55 28.76 2.77
N GLU I 38 -10.93 27.87 3.55
CA GLU I 38 -10.57 28.16 4.93
C GLU I 38 -9.41 27.30 5.29
N TYR I 39 -8.70 27.70 6.35
CA TYR I 39 -7.59 26.91 6.86
C TYR I 39 -7.06 27.46 8.15
N ASP I 40 -6.45 26.59 8.94
CA ASP I 40 -5.82 27.02 10.17
C ASP I 40 -4.61 26.15 10.45
N LYS I 41 -4.14 26.13 11.68
CA LYS I 41 -2.95 25.36 12.02
C LYS I 41 -3.05 23.86 11.73
N TYR I 42 -4.25 23.32 11.84
CA TYR I 42 -4.44 21.87 11.67
C TYR I 42 -5.23 21.36 10.49
N VAL I 43 -6.12 22.18 9.94
CA VAL I 43 -7.00 21.77 8.85
C VAL I 43 -7.09 22.74 7.68
N VAL I 44 -7.58 22.21 6.56
CA VAL I 44 -7.78 22.95 5.33
C VAL I 44 -9.18 22.58 4.82
N SER I 45 -10.01 23.59 4.54
CA SER I 45 -11.34 23.29 4.01
C SER I 45 -11.24 23.51 2.51
N LEU I 46 -11.46 22.45 1.75
CA LEU I 46 -11.34 22.45 0.27
C LEU I 46 -12.65 22.12 -0.47
N ASN I 47 -13.03 22.93 -1.45
CA ASN I 47 -14.25 22.70 -2.24
C ASN I 47 -13.87 22.03 -3.58
N SER I 48 -14.44 20.85 -3.84
CA SER I 48 -14.11 20.07 -5.04
C SER I 48 -15.28 19.22 -5.54
N GLN I 49 -15.61 19.41 -6.81
CA GLN I 49 -16.69 18.66 -7.44
C GLN I 49 -18.00 18.53 -6.68
N GLY I 50 -18.59 19.63 -6.22
CA GLY I 50 -19.86 19.54 -5.50
C GLY I 50 -19.79 19.01 -4.07
N LYS I 51 -18.59 18.99 -3.50
CA LYS I 51 -18.43 18.51 -2.14
C LYS I 51 -17.46 19.42 -1.38
N GLN I 52 -17.64 19.49 -0.08
CA GLN I 52 -16.75 20.24 0.83
C GLN I 52 -15.90 19.17 1.51
N HIS I 53 -14.59 19.34 1.51
CA HIS I 53 -13.68 18.37 2.16
C HIS I 53 -12.93 19.09 3.26
N LEU I 54 -13.06 18.61 4.49
CA LEU I 54 -12.32 19.20 5.61
C LEU I 54 -11.14 18.25 5.76
N ILE I 55 -9.94 18.73 5.44
CA ILE I 55 -8.73 17.89 5.41
C ILE I 55 -7.76 18.17 6.54
N TYR I 56 -7.29 17.12 7.21
CA TYR I 56 -6.27 17.30 8.25
C TYR I 56 -4.90 17.49 7.60
N LYS I 57 -4.20 18.56 8.00
CA LYS I 57 -2.85 18.74 7.46
C LYS I 57 -1.94 17.54 7.76
N HIS I 58 -2.23 16.80 8.83
CA HIS I 58 -1.37 15.64 9.09
C HIS I 58 -1.47 14.58 8.02
N ALA I 59 -2.51 14.66 7.22
CA ALA I 59 -2.69 13.70 6.13
C ALA I 59 -2.26 14.21 4.77
N ILE I 60 -1.82 15.46 4.73
CA ILE I 60 -1.37 16.04 3.47
C ILE I 60 0.11 15.88 3.24
N SER I 61 0.44 15.53 2.02
CA SER I 61 1.83 15.45 1.61
C SER I 61 2.28 16.68 0.86
N THR I 62 1.48 17.12 -0.10
CA THR I 62 1.95 18.25 -0.92
C THR I 62 0.80 19.06 -1.46
N TYR I 63 1.08 20.33 -1.74
CA TYR I 63 0.13 21.18 -2.44
C TYR I 63 0.78 21.52 -3.78
N THR I 64 0.02 21.48 -4.87
CA THR I 64 0.56 21.91 -6.16
C THR I 64 -0.51 22.74 -6.88
N VAL I 65 -0.10 23.55 -7.85
CA VAL I 65 -1.05 24.35 -8.62
C VAL I 65 -0.63 24.36 -10.10
N ASN J 6 -12.52 26.68 16.74
CA ASN J 6 -11.63 26.67 15.54
C ASN J 6 -12.38 25.99 14.40
N ILE J 7 -11.80 26.00 13.20
CA ILE J 7 -12.44 25.38 12.05
C ILE J 7 -12.89 23.94 12.28
N GLN J 8 -12.03 23.10 12.83
CA GLN J 8 -12.40 21.71 13.07
C GLN J 8 -13.59 21.54 14.04
N ASP J 9 -13.56 22.23 15.17
CA ASP J 9 -14.67 22.12 16.12
C ASP J 9 -15.96 22.68 15.54
N LYS J 10 -15.85 23.82 14.88
CA LYS J 10 -17.03 24.41 14.26
C LYS J 10 -17.66 23.41 13.26
N ALA J 11 -16.82 22.73 12.49
CA ALA J 11 -17.33 21.79 11.52
C ALA J 11 -17.96 20.54 12.18
N LEU J 12 -17.26 19.96 13.15
CA LEU J 12 -17.74 18.78 13.85
C LEU J 12 -19.01 19.12 14.64
N GLU J 13 -19.04 20.33 15.17
CA GLU J 13 -20.21 20.78 15.92
C GLU J 13 -21.42 20.83 14.97
N ASN J 14 -21.20 21.41 13.80
CA ASN J 14 -22.24 21.51 12.78
C ASN J 14 -22.69 20.09 12.34
N PHE J 15 -21.73 19.20 12.10
CA PHE J 15 -22.12 17.86 11.69
C PHE J 15 -22.94 17.16 12.76
N LYS J 16 -22.50 17.31 14.00
CA LYS J 16 -23.15 16.68 15.14
C LYS J 16 -24.56 17.22 15.32
N ALA J 17 -24.65 18.53 15.37
CA ALA J 17 -25.93 19.23 15.56
C ALA J 17 -26.96 18.98 14.47
N ASN J 18 -26.53 18.74 13.24
CA ASN J 18 -27.45 18.49 12.14
C ASN J 18 -27.57 17.08 11.64
N GLN J 19 -26.91 16.15 12.33
CA GLN J 19 -26.94 14.75 11.94
C GLN J 19 -26.60 14.63 10.46
N THR J 20 -25.62 15.41 10.05
CA THR J 20 -25.14 15.43 8.68
C THR J 20 -24.51 14.10 8.27
N GLU J 21 -24.77 13.66 7.05
CA GLU J 21 -24.21 12.41 6.52
C GLU J 21 -22.78 12.75 6.11
N VAL J 22 -21.82 12.25 6.89
CA VAL J 22 -20.41 12.56 6.64
C VAL J 22 -19.66 11.33 6.15
N THR J 23 -18.82 11.53 5.14
CA THR J 23 -18.00 10.41 4.66
C THR J 23 -16.61 10.70 5.22
N VAL J 24 -16.12 9.78 6.07
CA VAL J 24 -14.78 9.89 6.69
C VAL J 24 -13.79 9.09 5.84
N PHE J 25 -12.74 9.76 5.38
CA PHE J 25 -11.68 9.07 4.62
C PHE J 25 -10.53 8.89 5.58
N PHE J 26 -9.90 7.71 5.48
CA PHE J 26 -8.78 7.36 6.36
C PHE J 26 -7.46 7.55 5.65
N LEU J 27 -6.37 7.50 6.45
CA LEU J 27 -5.04 7.69 5.86
C LEU J 27 -4.77 6.67 4.77
N ASN J 28 -5.37 5.48 4.84
CA ASN J 28 -5.09 4.50 3.80
C ASN J 28 -6.03 4.63 2.60
N GLY J 29 -6.90 5.63 2.62
CA GLY J 29 -7.83 5.84 1.51
C GLY J 29 -9.19 5.19 1.62
N PHE J 30 -9.38 4.33 2.61
CA PHE J 30 -10.69 3.67 2.80
C PHE J 30 -11.67 4.77 3.27
N GLN J 31 -12.96 4.50 3.16
CA GLN J 31 -13.91 5.50 3.57
C GLN J 31 -15.07 4.85 4.27
N MET J 32 -15.72 5.62 5.13
CA MET J 32 -16.88 5.14 5.90
C MET J 32 -17.88 6.30 5.96
N LYS J 33 -19.15 6.00 5.71
CA LYS J 33 -20.23 7.00 5.70
C LYS J 33 -21.09 6.85 6.93
N GLY J 34 -21.41 7.97 7.56
CA GLY J 34 -22.28 7.90 8.73
C GLY J 34 -22.60 9.24 9.33
N VAL J 35 -23.02 9.22 10.59
CA VAL J 35 -23.36 10.43 11.33
C VAL J 35 -22.50 10.52 12.57
N ILE J 36 -21.96 11.69 12.82
CA ILE J 36 -21.13 11.92 13.99
C ILE J 36 -22.01 12.18 15.22
N GLU J 37 -22.00 11.20 16.13
CA GLU J 37 -22.80 11.25 17.37
C GLU J 37 -22.07 12.01 18.46
N GLU J 38 -20.75 11.87 18.47
CA GLU J 38 -19.92 12.52 19.47
C GLU J 38 -18.49 12.67 18.97
N TYR J 39 -17.72 13.48 19.67
CA TYR J 39 -16.34 13.72 19.31
C TYR J 39 -15.65 14.55 20.39
N ASP J 40 -14.33 14.44 20.44
CA ASP J 40 -13.51 15.23 21.35
C ASP J 40 -12.21 15.56 20.65
N LYS J 41 -11.19 15.97 21.38
CA LYS J 41 -9.91 16.35 20.82
C LYS J 41 -9.14 15.22 20.12
N TYR J 42 -9.48 13.97 20.42
CA TYR J 42 -8.77 12.83 19.82
C TYR J 42 -9.58 11.83 19.03
N VAL J 43 -10.87 11.74 19.30
CA VAL J 43 -11.70 10.78 18.61
C VAL J 43 -13.01 11.31 18.13
N VAL J 44 -13.62 10.52 17.26
CA VAL J 44 -14.92 10.80 16.67
C VAL J 44 -15.76 9.54 16.77
N SER J 45 -17.00 9.66 17.23
CA SER J 45 -17.86 8.47 17.26
C SER J 45 -18.79 8.63 16.08
N LEU J 46 -18.72 7.66 15.17
CA LEU J 46 -19.46 7.68 13.94
C LEU J 46 -20.47 6.53 13.84
N ASN J 47 -21.74 6.90 13.74
CA ASN J 47 -22.82 5.91 13.65
C ASN J 47 -23.04 5.58 12.20
N SER J 48 -22.88 4.32 11.83
CA SER J 48 -23.06 3.92 10.46
C SER J 48 -24.14 2.88 10.29
N GLN J 49 -24.22 2.36 9.08
CA GLN J 49 -25.23 1.38 8.77
C GLN J 49 -25.06 0.11 9.58
N GLY J 50 -25.70 0.08 10.75
CA GLY J 50 -25.68 -1.10 11.60
C GLY J 50 -24.58 -1.20 12.63
N LYS J 51 -23.64 -0.26 12.59
CA LYS J 51 -22.58 -0.29 13.59
C LYS J 51 -22.04 1.05 14.11
N GLN J 52 -21.40 1.00 15.27
CA GLN J 52 -20.82 2.17 15.92
C GLN J 52 -19.31 2.10 15.72
N HIS J 53 -18.71 3.21 15.31
CA HIS J 53 -17.26 3.25 15.08
C HIS J 53 -16.64 4.33 15.93
N LEU J 54 -15.61 3.99 16.68
CA LEU J 54 -14.91 4.99 17.45
C LEU J 54 -13.61 5.13 16.64
N ILE J 55 -13.42 6.33 16.10
CA ILE J 55 -12.31 6.58 15.18
C ILE J 55 -11.31 7.53 15.73
N TYR J 56 -10.02 7.20 15.60
CA TYR J 56 -8.99 8.12 16.05
C TYR J 56 -8.80 9.20 14.98
N LYS J 57 -8.85 10.48 15.37
CA LYS J 57 -8.56 11.53 14.40
C LYS J 57 -7.13 11.34 13.76
N HIS J 58 -6.19 10.70 14.46
CA HIS J 58 -4.87 10.55 13.87
C HIS J 58 -4.92 9.67 12.64
N ALA J 59 -6.02 8.92 12.45
CA ALA J 59 -6.12 8.05 11.27
C ALA J 59 -7.03 8.65 10.20
N ILE J 60 -7.56 9.85 10.45
CA ILE J 60 -8.47 10.45 9.49
C ILE J 60 -7.72 11.37 8.55
N SER J 61 -8.04 11.29 7.25
CA SER J 61 -7.51 12.22 6.26
C SER J 61 -8.48 13.33 6.01
N THR J 62 -9.75 12.98 5.80
CA THR J 62 -10.74 14.04 5.50
C THR J 62 -12.16 13.69 5.90
N TYR J 63 -12.97 14.74 6.10
CA TYR J 63 -14.39 14.62 6.35
C TYR J 63 -14.99 15.22 5.08
N THR J 64 -15.85 14.48 4.40
CA THR J 64 -16.44 15.01 3.19
C THR J 64 -17.95 15.01 3.29
N VAL J 65 -18.57 16.10 2.84
CA VAL J 65 -20.03 16.22 2.84
C VAL J 65 -20.47 16.82 1.52
N GLU J 66 -21.74 16.59 1.18
CA GLU J 66 -22.32 17.12 -0.03
C GLU J 66 -22.51 18.63 0.15
N ASN K 6 -12.47 10.38 29.48
CA ASN K 6 -12.86 10.95 28.16
C ASN K 6 -13.67 9.92 27.35
N ILE K 7 -14.08 10.31 26.13
CA ILE K 7 -14.88 9.45 25.27
C ILE K 7 -14.23 8.12 25.01
N GLN K 8 -12.93 8.19 24.80
CA GLN K 8 -12.10 7.03 24.50
C GLN K 8 -12.08 6.04 25.67
N ASP K 9 -11.71 6.54 26.84
CA ASP K 9 -11.61 5.70 28.02
C ASP K 9 -12.97 5.12 28.41
N LYS K 10 -14.03 5.89 28.23
CA LYS K 10 -15.36 5.41 28.56
C LYS K 10 -15.74 4.26 27.64
N ALA K 11 -15.33 4.34 26.37
CA ALA K 11 -15.67 3.28 25.45
C ALA K 11 -14.80 2.04 25.71
N LEU K 12 -13.50 2.23 25.98
CA LEU K 12 -12.66 1.06 26.24
C LEU K 12 -13.09 0.37 27.52
N GLU K 13 -13.38 1.18 28.54
CA GLU K 13 -13.82 0.59 29.81
C GLU K 13 -15.07 -0.26 29.57
N ASN K 14 -15.99 0.23 28.72
CA ASN K 14 -17.20 -0.51 28.41
C ASN K 14 -16.89 -1.80 27.63
N PHE K 15 -15.99 -1.71 26.65
CA PHE K 15 -15.62 -2.92 25.90
C PHE K 15 -15.02 -4.00 26.81
N LYS K 16 -14.16 -3.58 27.72
CA LYS K 16 -13.50 -4.51 28.62
C LYS K 16 -14.51 -5.12 29.59
N ALA K 17 -15.33 -4.28 30.19
CA ALA K 17 -16.31 -4.79 31.15
C ALA K 17 -17.37 -5.74 30.55
N ASN K 18 -17.86 -5.42 29.37
CA ASN K 18 -18.85 -6.25 28.72
C ASN K 18 -18.23 -7.37 27.89
N GLN K 19 -16.90 -7.38 27.78
CA GLN K 19 -16.24 -8.38 26.96
C GLN K 19 -16.82 -8.36 25.54
N THR K 20 -17.10 -7.15 25.07
CA THR K 20 -17.66 -6.95 23.73
C THR K 20 -16.73 -7.39 22.61
N GLU K 21 -17.32 -7.95 21.55
CA GLU K 21 -16.55 -8.38 20.40
C GLU K 21 -16.27 -7.07 19.64
N VAL K 22 -15.00 -6.70 19.54
CA VAL K 22 -14.66 -5.45 18.88
C VAL K 22 -13.76 -5.76 17.72
N THR K 23 -13.96 -5.05 16.62
CA THR K 23 -13.09 -5.24 15.47
C THR K 23 -12.21 -4.00 15.45
N VAL K 24 -10.91 -4.23 15.58
CA VAL K 24 -9.91 -3.18 15.52
C VAL K 24 -9.40 -3.07 14.09
N PHE K 25 -9.52 -1.87 13.49
CA PHE K 25 -8.94 -1.63 12.17
C PHE K 25 -7.65 -0.89 12.44
N PHE K 26 -6.62 -1.32 11.70
CA PHE K 26 -5.30 -0.71 11.83
C PHE K 26 -5.10 0.40 10.79
N LEU K 27 -4.01 1.18 10.92
CA LEU K 27 -3.76 2.22 9.93
C LEU K 27 -3.67 1.73 8.50
N ASN K 28 -3.11 0.53 8.32
CA ASN K 28 -3.01 0.01 6.96
C ASN K 28 -4.27 -0.65 6.43
N GLY K 29 -5.33 -0.63 7.23
CA GLY K 29 -6.58 -1.21 6.75
C GLY K 29 -6.88 -2.63 7.20
N PHE K 30 -5.87 -3.30 7.74
CA PHE K 30 -6.09 -4.65 8.23
C PHE K 30 -7.06 -4.60 9.41
N GLN K 31 -7.74 -5.71 9.66
CA GLN K 31 -8.68 -5.73 10.78
C GLN K 31 -8.54 -6.99 11.61
N MET K 32 -8.78 -6.86 12.91
CA MET K 32 -8.67 -7.99 13.82
C MET K 32 -9.85 -7.90 14.80
N LYS K 33 -10.58 -9.00 14.91
CA LYS K 33 -11.76 -9.04 15.78
C LYS K 33 -11.42 -9.85 17.01
N GLY K 34 -11.74 -9.31 18.17
CA GLY K 34 -11.47 -10.06 19.38
C GLY K 34 -12.05 -9.33 20.56
N VAL K 35 -11.54 -9.64 21.75
CA VAL K 35 -12.01 -9.03 22.97
C VAL K 35 -10.92 -8.22 23.65
N ILE K 36 -11.25 -7.01 24.06
CA ILE K 36 -10.25 -6.17 24.73
C ILE K 36 -10.16 -6.57 26.19
N GLU K 37 -9.04 -7.15 26.61
CA GLU K 37 -8.96 -7.51 28.03
C GLU K 37 -8.28 -6.50 28.93
N GLU K 38 -7.41 -5.65 28.37
CA GLU K 38 -6.77 -4.62 29.16
C GLU K 38 -6.41 -3.49 28.20
N TYR K 39 -6.22 -2.30 28.76
CA TYR K 39 -5.86 -1.12 27.97
C TYR K 39 -5.32 -0.02 28.86
N ASP K 40 -4.41 0.78 28.32
CA ASP K 40 -3.89 1.94 29.03
C ASP K 40 -3.84 3.13 28.08
N LYS K 41 -3.10 4.17 28.44
CA LYS K 41 -3.06 5.36 27.61
C LYS K 41 -2.49 5.13 26.22
N TYR K 42 -1.56 4.20 26.11
CA TYR K 42 -0.90 3.99 24.83
C TYR K 42 -1.15 2.67 24.12
N VAL K 43 -1.65 1.68 24.82
CA VAL K 43 -1.87 0.36 24.23
C VAL K 43 -3.18 -0.34 24.58
N VAL K 44 -3.56 -1.32 23.77
CA VAL K 44 -4.74 -2.13 24.02
C VAL K 44 -4.35 -3.59 23.88
N SER K 45 -4.85 -4.43 24.77
CA SER K 45 -4.54 -5.85 24.72
C SER K 45 -5.77 -6.52 24.20
N LEU K 46 -5.65 -7.15 23.03
CA LEU K 46 -6.77 -7.79 22.36
C LEU K 46 -6.56 -9.29 22.25
N ASN K 47 -7.51 -10.07 22.75
CA ASN K 47 -7.44 -11.50 22.61
C ASN K 47 -8.23 -11.88 21.35
N SER K 48 -7.57 -12.56 20.42
CA SER K 48 -8.23 -12.94 19.17
C SER K 48 -7.71 -14.29 18.71
N GLN K 49 -8.63 -15.20 18.43
CA GLN K 49 -8.27 -16.53 17.97
C GLN K 49 -7.24 -17.23 18.85
N GLY K 50 -7.44 -17.13 20.16
CA GLY K 50 -6.54 -17.74 21.11
C GLY K 50 -5.21 -17.07 21.38
N LYS K 51 -4.90 -15.99 20.67
CA LYS K 51 -3.65 -15.29 20.88
C LYS K 51 -3.86 -13.89 21.47
N GLN K 52 -2.88 -13.46 22.25
CA GLN K 52 -2.90 -12.14 22.85
C GLN K 52 -2.15 -11.19 21.91
N HIS K 53 -2.71 -10.02 21.67
CA HIS K 53 -2.07 -9.01 20.80
C HIS K 53 -2.00 -7.72 21.56
N LEU K 54 -0.80 -7.21 21.76
CA LEU K 54 -0.62 -5.94 22.44
C LEU K 54 -0.48 -4.94 21.32
N ILE K 55 -1.47 -4.08 21.19
CA ILE K 55 -1.54 -3.13 20.08
C ILE K 55 -1.31 -1.69 20.49
N TYR K 56 -0.49 -0.96 19.75
CA TYR K 56 -0.29 0.47 20.02
C TYR K 56 -1.48 1.23 19.46
N LYS K 57 -2.05 2.09 20.30
CA LYS K 57 -3.14 2.91 19.79
C LYS K 57 -2.69 3.78 18.61
N HIS K 58 -1.40 4.13 18.53
CA HIS K 58 -0.96 4.91 17.39
C HIS K 58 -1.13 4.16 16.07
N ALA K 59 -1.32 2.83 16.16
CA ALA K 59 -1.50 2.04 14.95
C ALA K 59 -2.94 1.71 14.66
N ILE K 60 -3.83 2.18 15.53
CA ILE K 60 -5.24 1.89 15.35
C ILE K 60 -5.95 3.00 14.63
N SER K 61 -6.83 2.63 13.73
CA SER K 61 -7.67 3.63 13.04
C SER K 61 -9.06 3.63 13.68
N THR K 62 -9.68 2.48 13.88
CA THR K 62 -11.07 2.48 14.40
C THR K 62 -11.34 1.26 15.23
N TYR K 63 -12.26 1.40 16.19
CA TYR K 63 -12.76 0.28 16.95
C TYR K 63 -14.19 0.19 16.44
N THR K 64 -14.61 -0.97 15.98
CA THR K 64 -15.98 -1.08 15.50
C THR K 64 -16.68 -2.13 16.33
N VAL K 65 -17.93 -1.84 16.68
CA VAL K 65 -18.72 -2.81 17.41
C VAL K 65 -20.04 -2.88 16.67
N GLU K 66 -20.64 -4.07 16.63
CA GLU K 66 -21.89 -4.31 15.93
C GLU K 66 -22.99 -4.68 16.92
N ASN L 6 1.60 0.20 34.30
CA ASN L 6 1.62 0.47 32.84
C ASN L 6 1.61 -0.88 32.11
N ILE L 7 0.65 -1.09 31.22
CA ILE L 7 0.54 -2.38 30.52
C ILE L 7 1.74 -2.64 29.60
N GLN L 8 2.12 -1.63 28.85
CA GLN L 8 3.22 -1.74 27.93
C GLN L 8 4.51 -2.13 28.66
N ASP L 9 4.81 -1.39 29.72
CA ASP L 9 6.01 -1.65 30.51
C ASP L 9 5.99 -3.03 31.13
N LYS L 10 4.83 -3.48 31.60
CA LYS L 10 4.76 -4.81 32.21
C LYS L 10 5.02 -5.85 31.13
N ALA L 11 4.43 -5.64 29.93
CA ALA L 11 4.63 -6.65 28.92
C ALA L 11 6.06 -6.76 28.41
N LEU L 12 6.68 -5.62 28.16
CA LEU L 12 8.06 -5.60 27.68
C LEU L 12 9.00 -6.19 28.72
N GLU L 13 8.73 -5.91 29.99
CA GLU L 13 9.56 -6.45 31.10
C GLU L 13 9.47 -7.98 31.05
N ASN L 14 8.26 -8.48 30.87
CA ASN L 14 8.05 -9.92 30.82
C ASN L 14 8.76 -10.52 29.62
N PHE L 15 8.57 -9.90 28.46
CA PHE L 15 9.21 -10.44 27.26
C PHE L 15 10.72 -10.53 27.39
N LYS L 16 11.28 -9.45 27.92
CA LYS L 16 12.73 -9.41 28.08
C LYS L 16 13.21 -10.39 29.14
N ALA L 17 12.54 -10.38 30.29
CA ALA L 17 13.05 -11.26 31.38
C ALA L 17 13.01 -12.74 31.06
N ASN L 18 12.03 -13.16 30.26
CA ASN L 18 11.93 -14.56 29.88
C ASN L 18 12.46 -14.96 28.49
N GLN L 19 13.11 -14.03 27.80
CA GLN L 19 13.65 -14.32 26.46
C GLN L 19 12.61 -14.93 25.54
N THR L 20 11.40 -14.40 25.66
CA THR L 20 10.27 -14.84 24.89
C THR L 20 10.38 -14.53 23.39
N GLU L 21 9.96 -15.48 22.58
CA GLU L 21 9.96 -15.30 21.14
C GLU L 21 8.70 -14.47 20.86
N VAL L 22 8.90 -13.26 20.36
CA VAL L 22 7.80 -12.33 20.11
C VAL L 22 7.77 -12.00 18.63
N THR L 23 6.56 -11.86 18.12
CA THR L 23 6.40 -11.43 16.71
C THR L 23 6.00 -9.97 16.79
N VAL L 24 6.75 -9.14 16.09
CA VAL L 24 6.47 -7.72 16.02
C VAL L 24 5.88 -7.47 14.64
N PHE L 25 4.73 -6.81 14.62
CA PHE L 25 4.09 -6.41 13.38
C PHE L 25 4.27 -4.90 13.25
N PHE L 26 4.58 -4.47 12.05
CA PHE L 26 4.83 -3.06 11.76
C PHE L 26 3.61 -2.39 11.17
N LEU L 27 3.67 -1.07 11.06
CA LEU L 27 2.54 -0.32 10.50
C LEU L 27 2.18 -0.79 9.13
N ASN L 28 3.15 -1.22 8.34
CA ASN L 28 2.77 -1.67 7.00
C ASN L 28 2.30 -3.12 6.93
N GLY L 29 2.20 -3.79 8.07
CA GLY L 29 1.75 -5.17 8.10
C GLY L 29 2.80 -6.23 8.01
N PHE L 30 4.04 -5.83 7.77
CA PHE L 30 5.14 -6.82 7.72
C PHE L 30 5.39 -7.29 9.17
N GLN L 31 6.11 -8.40 9.33
CA GLN L 31 6.34 -8.96 10.65
C GLN L 31 7.71 -9.57 10.76
N MET L 32 8.23 -9.58 11.99
CA MET L 32 9.55 -10.16 12.28
C MET L 32 9.43 -10.82 13.63
N LYS L 33 10.12 -11.93 13.82
CA LYS L 33 10.04 -12.65 15.10
C LYS L 33 11.41 -12.66 15.75
N GLY L 34 11.46 -12.55 17.09
CA GLY L 34 12.76 -12.58 17.72
C GLY L 34 12.62 -12.39 19.21
N VAL L 35 13.76 -12.16 19.87
CA VAL L 35 13.78 -11.96 21.31
C VAL L 35 14.13 -10.53 21.63
N ILE L 36 13.35 -9.90 22.52
CA ILE L 36 13.61 -8.54 22.91
C ILE L 36 14.70 -8.56 23.97
N GLU L 37 15.85 -7.99 23.61
CA GLU L 37 16.98 -7.94 24.54
C GLU L 37 17.08 -6.68 25.33
N GLU L 38 16.61 -5.56 24.76
CA GLU L 38 16.61 -4.30 25.46
C GLU L 38 15.52 -3.42 24.88
N TYR L 39 15.10 -2.43 25.64
CA TYR L 39 14.08 -1.50 25.16
C TYR L 39 14.07 -0.26 26.02
N ASP L 40 13.57 0.83 25.44
CA ASP L 40 13.39 2.03 26.23
C ASP L 40 12.10 2.72 25.79
N LYS L 41 11.96 4.00 26.07
CA LYS L 41 10.73 4.67 25.72
C LYS L 41 10.45 4.76 24.23
N TYR L 42 11.50 4.72 23.43
CA TYR L 42 11.36 4.89 22.00
C TYR L 42 11.75 3.74 21.09
N VAL L 43 12.61 2.84 21.57
CA VAL L 43 13.07 1.76 20.70
C VAL L 43 13.07 0.42 21.38
N VAL L 44 13.14 -0.62 20.55
CA VAL L 44 13.19 -2.00 21.02
C VAL L 44 14.33 -2.68 20.29
N SER L 45 15.22 -3.39 21.00
CA SER L 45 16.32 -4.10 20.36
C SER L 45 15.90 -5.57 20.30
N LEU L 46 15.70 -6.07 19.08
CA LEU L 46 15.20 -7.41 18.86
C LEU L 46 16.26 -8.29 18.17
N ASN L 47 16.56 -9.43 18.79
CA ASN L 47 17.53 -10.37 18.23
C ASN L 47 16.76 -11.42 17.43
N SER L 48 17.02 -11.47 16.12
CA SER L 48 16.35 -12.44 15.28
C SER L 48 17.40 -13.44 14.78
N GLN L 49 16.94 -14.48 14.09
CA GLN L 49 17.86 -15.51 13.61
C GLN L 49 19.33 -15.05 13.57
N GLY L 50 19.73 -14.41 12.48
CA GLY L 50 21.10 -13.94 12.37
C GLY L 50 21.25 -12.44 12.22
N LYS L 51 20.36 -11.69 12.87
CA LYS L 51 20.44 -10.24 12.77
C LYS L 51 19.94 -9.53 14.03
N GLN L 52 20.41 -8.31 14.21
CA GLN L 52 19.97 -7.51 15.34
C GLN L 52 19.17 -6.39 14.73
N HIS L 53 17.98 -6.16 15.27
CA HIS L 53 17.11 -5.11 14.75
C HIS L 53 16.84 -4.07 15.82
N LEU L 54 17.15 -2.83 15.52
CA LEU L 54 16.83 -1.76 16.46
C LEU L 54 15.56 -1.11 15.84
N ILE L 55 14.44 -1.34 16.51
CA ILE L 55 13.14 -0.91 15.98
C ILE L 55 12.57 0.28 16.69
N TYR L 56 12.05 1.22 15.92
CA TYR L 56 11.36 2.35 16.50
C TYR L 56 9.94 1.96 16.90
N LYS L 57 9.58 2.21 18.14
CA LYS L 57 8.20 1.90 18.57
C LYS L 57 7.17 2.63 17.68
N HIS L 58 7.52 3.79 17.12
CA HIS L 58 6.58 4.51 16.29
C HIS L 58 6.18 3.73 15.05
N ALA L 59 6.99 2.74 14.70
CA ALA L 59 6.71 1.90 13.54
C ALA L 59 6.07 0.58 13.88
N ILE L 60 5.92 0.28 15.17
CA ILE L 60 5.32 -0.97 15.57
C ILE L 60 3.82 -0.87 15.70
N SER L 61 3.10 -1.86 15.21
CA SER L 61 1.64 -1.92 15.40
C SER L 61 1.28 -2.84 16.54
N THR L 62 1.84 -4.06 16.55
CA THR L 62 1.44 -5.05 17.54
C THR L 62 2.58 -5.98 17.95
N TYR L 63 2.52 -6.50 19.17
CA TYR L 63 3.43 -7.54 19.63
C TYR L 63 2.51 -8.74 19.87
N THR L 64 2.92 -9.91 19.40
CA THR L 64 2.17 -11.13 19.65
C THR L 64 3.14 -12.24 20.08
N VAL L 65 2.67 -13.20 20.87
CA VAL L 65 3.52 -14.31 21.29
C VAL L 65 2.79 -15.61 20.99
N GLU L 66 3.55 -16.63 20.58
CA GLU L 66 3.00 -17.93 20.23
C GLU L 66 2.43 -18.75 21.40
#